data_3A14
#
_entry.id   3A14
#
_cell.length_a   108.527
_cell.length_b   108.527
_cell.length_c   74.178
_cell.angle_alpha   90.00
_cell.angle_beta   90.00
_cell.angle_gamma   90.00
#
_symmetry.space_group_name_H-M   'P 43'
#
loop_
_entity.id
_entity.type
_entity.pdbx_description
1 polymer '1-deoxy-D-xylulose 5-phosphate reductoisomerase'
2 non-polymer 'NADPH DIHYDRO-NICOTINAMIDE-ADENINE-DINUCLEOTIDE PHOSPHATE'
3 non-polymer 'MAGNESIUM ION'
4 non-polymer (4S)-2-METHYL-2,4-PENTANEDIOL
5 water water
#
_entity_poly.entity_id   1
_entity_poly.type   'polypeptide(L)'
_entity_poly.pdbx_seq_one_letter_code
;MEERTLVILGATGSIGTQTLDVLKKVKGIRLIGISFHSNLELAFKIVKEFNVKNVAITGDVEFEDSSINVWKGSHSIEEM
LEALKPDITMVAVSGFSGLRAVLASLEHSKRVCLANKESLVCGGFLVKKKLKEKGTELIPVDSEHSAIFQVMEPEVEKVV
LTASGGALRDWKISKIDRARPEDVLKHPVWNMGARITVDSATMVNKAFEVLEAMELFELPFEKIEVKIHREGLVHGAVVL
PDGNVKMVVSPPDMRIPISYALFYPRRVALEPFFLRTISLSFEDPDPEKYPAFFLLKEIKDSYALRTAFNAADEVAVEAF
LKGRIRFGGIHRVIEKTLEEFQGYPQPRTLDDVERIHFEAIKKAERVTEWLSSTSY
;
_entity_poly.pdbx_strand_id   A,B
#
loop_
_chem_comp.id
_chem_comp.type
_chem_comp.name
_chem_comp.formula
MG non-polymer 'MAGNESIUM ION' 'Mg 2'
MPD non-polymer (4S)-2-METHYL-2,4-PENTANEDIOL 'C6 H14 O2'
NDP non-polymer 'NADPH DIHYDRO-NICOTINAMIDE-ADENINE-DINUCLEOTIDE PHOSPHATE' 'C21 H30 N7 O17 P3'
#
# COMPACT_ATOMS: atom_id res chain seq x y z
N GLU A 3 12.24 21.07 17.62
CA GLU A 3 12.98 19.99 18.34
C GLU A 3 14.06 19.35 17.45
N ARG A 4 13.70 18.86 16.26
CA ARG A 4 14.74 18.30 15.39
C ARG A 4 15.40 19.37 14.50
N THR A 5 16.73 19.36 14.43
CA THR A 5 17.45 20.35 13.63
C THR A 5 17.60 19.94 12.17
N LEU A 6 17.56 20.93 11.28
CA LEU A 6 17.56 20.68 9.85
C LEU A 6 18.55 21.57 9.12
N VAL A 7 19.24 21.00 8.15
CA VAL A 7 20.01 21.73 7.17
C VAL A 7 19.45 21.46 5.79
N ILE A 8 19.23 22.52 5.00
CA ILE A 8 18.74 22.32 3.63
C ILE A 8 19.85 22.72 2.70
N LEU A 9 20.37 21.76 1.93
CA LEU A 9 21.40 22.07 0.93
C LEU A 9 20.69 22.32 -0.36
N GLY A 10 21.09 23.37 -1.06
CA GLY A 10 20.40 23.79 -2.25
C GLY A 10 19.05 24.42 -1.87
N ALA A 11 19.08 25.31 -0.87
CA ALA A 11 17.86 25.93 -0.33
C ALA A 11 17.12 26.84 -1.31
N THR A 12 17.81 27.27 -2.36
CA THR A 12 17.27 28.28 -3.26
C THR A 12 16.62 27.67 -4.49
N GLY A 13 16.65 26.34 -4.60
CA GLY A 13 16.02 25.66 -5.71
C GLY A 13 14.57 25.29 -5.40
N SER A 14 13.96 24.58 -6.33
CA SER A 14 12.56 24.16 -6.23
C SER A 14 12.26 23.30 -4.99
N ILE A 15 13.01 22.21 -4.80
CA ILE A 15 12.81 21.35 -3.62
C ILE A 15 13.13 22.13 -2.34
N GLY A 16 14.19 22.95 -2.40
CA GLY A 16 14.60 23.74 -1.24
C GLY A 16 13.50 24.64 -0.76
N THR A 17 12.93 25.44 -1.67
CA THR A 17 11.87 26.36 -1.29
C THR A 17 10.53 25.67 -0.96
N GLN A 18 10.24 24.55 -1.62
CA GLN A 18 9.09 23.74 -1.21
C GLN A 18 9.27 23.17 0.22
N THR A 19 10.49 22.75 0.57
CA THR A 19 10.81 22.39 1.97
C THR A 19 10.55 23.53 2.97
N LEU A 20 11.01 24.75 2.66
CA LEU A 20 10.65 25.92 3.49
C LEU A 20 9.15 26.08 3.68
N ASP A 21 8.40 25.88 2.61
CA ASP A 21 6.94 26.00 2.68
C ASP A 21 6.37 24.97 3.66
N VAL A 22 6.87 23.73 3.63
CA VAL A 22 6.47 22.71 4.58
C VAL A 22 6.76 23.10 6.04
N LEU A 23 7.90 23.74 6.28
CA LEU A 23 8.30 24.13 7.64
C LEU A 23 7.38 25.21 8.21
N LYS A 24 6.82 26.04 7.32
CA LYS A 24 5.78 26.98 7.72
C LYS A 24 4.48 26.29 8.10
N LYS A 25 4.24 25.10 7.51
CA LYS A 25 2.94 24.42 7.64
C LYS A 25 2.93 23.39 8.76
N VAL A 26 4.10 22.94 9.20
CA VAL A 26 4.15 21.94 10.26
C VAL A 26 5.28 22.21 11.23
N LYS A 27 5.00 22.00 12.51
CA LYS A 27 5.93 22.24 13.63
C LYS A 27 6.80 21.03 13.99
N GLY A 28 7.90 21.31 14.67
CA GLY A 28 8.76 20.26 15.24
C GLY A 28 10.18 20.18 14.64
N ILE A 29 10.44 20.96 13.60
CA ILE A 29 11.76 21.00 12.98
C ILE A 29 12.28 22.42 13.01
N ARG A 30 13.54 22.59 13.43
CA ARG A 30 14.18 23.89 13.45
C ARG A 30 15.23 23.94 12.34
N LEU A 31 15.08 24.86 11.39
CA LEU A 31 16.07 25.04 10.37
C LEU A 31 17.30 25.79 10.94
N ILE A 32 18.48 25.16 10.91
CA ILE A 32 19.71 25.78 11.48
C ILE A 32 20.78 26.13 10.45
N GLY A 33 20.69 25.57 9.24
CA GLY A 33 21.64 25.95 8.20
C GLY A 33 21.12 25.72 6.79
N ILE A 34 21.66 26.48 5.84
CA ILE A 34 21.40 26.22 4.43
C ILE A 34 22.70 26.25 3.60
N SER A 35 22.65 25.64 2.41
CA SER A 35 23.64 25.93 1.37
C SER A 35 22.89 26.46 0.16
N PHE A 36 23.56 27.27 -0.65
CA PHE A 36 23.00 27.70 -1.92
C PHE A 36 24.17 28.01 -2.85
N HIS A 37 23.90 28.14 -4.15
CA HIS A 37 25.01 28.24 -5.10
C HIS A 37 25.34 29.68 -5.53
N SER A 38 24.41 30.33 -6.23
CA SER A 38 24.61 31.72 -6.65
C SER A 38 23.43 32.68 -6.35
N ASN A 39 22.21 32.15 -6.17
CA ASN A 39 21.03 33.03 -5.95
C ASN A 39 20.99 33.74 -4.60
N LEU A 40 21.80 34.79 -4.46
CA LEU A 40 21.94 35.55 -3.22
C LEU A 40 20.69 36.33 -2.78
N GLU A 41 19.91 36.84 -3.73
CA GLU A 41 18.68 37.58 -3.42
C GLU A 41 17.65 36.70 -2.70
N LEU A 42 17.46 35.47 -3.20
CA LEU A 42 16.56 34.53 -2.56
C LEU A 42 17.16 34.05 -1.25
N ALA A 43 18.46 33.77 -1.26
CA ALA A 43 19.17 33.30 -0.07
C ALA A 43 19.03 34.28 1.09
N PHE A 44 19.19 35.57 0.78
CA PHE A 44 19.08 36.61 1.79
C PHE A 44 17.67 36.59 2.40
N LYS A 45 16.67 36.48 1.54
CA LYS A 45 15.27 36.32 1.95
C LYS A 45 15.05 35.10 2.86
N ILE A 46 15.64 33.96 2.51
CA ILE A 46 15.55 32.77 3.38
C ILE A 46 16.18 33.00 4.77
N VAL A 47 17.42 33.48 4.76
CA VAL A 47 18.18 33.72 5.97
C VAL A 47 17.43 34.72 6.88
N LYS A 48 16.83 35.74 6.27
CA LYS A 48 16.01 36.70 7.03
C LYS A 48 14.75 36.05 7.62
N GLU A 49 13.91 35.46 6.78
CA GLU A 49 12.62 34.89 7.22
C GLU A 49 12.73 33.73 8.19
N PHE A 50 13.76 32.91 8.04
CA PHE A 50 13.94 31.74 8.90
C PHE A 50 15.01 31.94 9.97
N ASN A 51 15.59 33.13 10.02
CA ASN A 51 16.62 33.48 11.02
C ASN A 51 17.76 32.44 11.05
N VAL A 52 18.30 32.19 9.87
CA VAL A 52 19.32 31.15 9.68
C VAL A 52 20.69 31.75 9.97
N LYS A 53 21.41 31.12 10.89
CA LYS A 53 22.74 31.60 11.37
C LYS A 53 23.93 30.90 10.72
N ASN A 54 23.65 29.88 9.89
CA ASN A 54 24.73 29.12 9.24
C ASN A 54 24.46 28.95 7.75
N VAL A 55 25.43 29.38 6.92
CA VAL A 55 25.34 29.35 5.46
C VAL A 55 26.62 28.78 4.85
N ALA A 56 26.45 27.83 3.92
CA ALA A 56 27.55 27.33 3.10
C ALA A 56 27.32 27.77 1.67
N ILE A 57 28.30 28.51 1.14
CA ILE A 57 28.22 29.02 -0.22
C ILE A 57 29.07 28.15 -1.14
N THR A 58 28.46 27.67 -2.22
CA THR A 58 29.11 26.69 -3.06
C THR A 58 29.55 27.30 -4.37
N GLY A 59 28.99 28.45 -4.71
CA GLY A 59 29.35 29.16 -5.93
C GLY A 59 30.23 30.36 -5.64
N ASP A 60 30.31 31.26 -6.62
CA ASP A 60 31.23 32.38 -6.51
C ASP A 60 30.47 33.67 -6.26
N VAL A 61 30.06 33.85 -4.99
CA VAL A 61 29.38 35.06 -4.53
C VAL A 61 29.81 35.40 -3.12
N GLU A 62 29.43 36.59 -2.66
CA GLU A 62 29.76 37.07 -1.31
C GLU A 62 28.54 37.02 -0.39
N PHE A 63 28.78 36.94 0.91
CA PHE A 63 27.72 36.93 1.90
C PHE A 63 28.30 37.37 3.24
N GLU A 64 28.59 38.65 3.38
CA GLU A 64 29.32 39.14 4.55
C GLU A 64 28.67 38.74 5.89
N ASP A 65 27.73 39.55 6.37
CA ASP A 65 26.96 39.33 7.61
C ASP A 65 27.73 38.76 8.80
N SER A 66 28.18 39.64 9.70
CA SER A 66 28.91 39.22 10.89
C SER A 66 27.99 38.50 11.87
N SER A 67 26.69 38.64 11.64
CA SER A 67 25.68 38.03 12.50
C SER A 67 25.52 36.53 12.25
N ILE A 68 25.94 36.08 11.07
CA ILE A 68 25.83 34.65 10.72
C ILE A 68 27.17 34.00 10.33
N ASN A 69 27.29 32.70 10.61
CA ASN A 69 28.46 31.91 10.21
C ASN A 69 28.43 31.54 8.74
N VAL A 70 29.48 31.90 8.01
CA VAL A 70 29.51 31.68 6.56
C VAL A 70 30.71 30.83 6.17
N TRP A 71 30.43 29.59 5.75
CA TRP A 71 31.42 28.70 5.19
C TRP A 71 31.41 28.90 3.69
N LYS A 72 32.59 28.86 3.09
CA LYS A 72 32.73 29.17 1.69
C LYS A 72 33.81 28.28 1.06
N GLY A 73 33.60 27.90 -0.20
CA GLY A 73 34.57 27.05 -0.89
C GLY A 73 34.11 25.63 -1.10
N SER A 74 35.02 24.81 -1.62
CA SER A 74 34.72 23.45 -2.09
C SER A 74 34.38 22.49 -0.99
N HIS A 75 34.71 22.86 0.25
CA HIS A 75 34.38 22.02 1.37
C HIS A 75 33.43 22.72 2.31
N SER A 76 32.71 23.73 1.84
CA SER A 76 31.80 24.46 2.73
C SER A 76 30.69 23.56 3.28
N ILE A 77 30.09 22.73 2.43
CA ILE A 77 28.95 21.88 2.86
C ILE A 77 29.48 20.94 3.89
N GLU A 78 30.56 20.25 3.57
CA GLU A 78 31.11 19.26 4.49
C GLU A 78 31.50 19.87 5.83
N GLU A 79 32.09 21.07 5.79
CA GLU A 79 32.60 21.68 7.03
C GLU A 79 31.48 22.28 7.85
N MET A 80 30.53 22.92 7.17
CA MET A 80 29.29 23.33 7.88
C MET A 80 28.63 22.15 8.59
N LEU A 81 28.46 21.03 7.87
CA LEU A 81 27.79 19.88 8.44
C LEU A 81 28.52 19.29 9.64
N GLU A 82 29.84 19.15 9.52
CA GLU A 82 30.66 18.71 10.66
C GLU A 82 30.45 19.59 11.89
N ALA A 83 30.38 20.89 11.69
CA ALA A 83 30.19 21.86 12.77
C ALA A 83 28.78 21.80 13.38
N LEU A 84 27.76 21.54 12.55
CA LEU A 84 26.38 21.59 13.02
C LEU A 84 25.81 20.27 13.45
N LYS A 85 26.31 19.18 12.86
CA LYS A 85 25.80 17.86 13.15
C LYS A 85 24.23 17.89 13.21
N PRO A 86 23.58 18.27 12.08
CA PRO A 86 22.10 18.34 12.07
C PRO A 86 21.41 16.99 12.27
N ASP A 87 20.22 16.99 12.84
CA ASP A 87 19.46 15.75 12.89
C ASP A 87 19.06 15.30 11.49
N ILE A 88 18.76 16.28 10.63
CA ILE A 88 18.19 16.03 9.29
C ILE A 88 18.92 16.93 8.32
N THR A 89 19.29 16.37 7.16
CA THR A 89 19.79 17.17 6.05
C THR A 89 18.94 16.87 4.84
N MET A 90 18.35 17.91 4.27
CA MET A 90 17.63 17.78 3.00
C MET A 90 18.65 18.04 1.88
N VAL A 91 18.96 17.03 1.07
CA VAL A 91 20.01 17.22 0.04
C VAL A 91 19.33 17.55 -1.29
N ALA A 92 19.22 18.84 -1.58
CA ALA A 92 18.47 19.24 -2.76
C ALA A 92 19.35 20.05 -3.70
N VAL A 93 20.65 19.76 -3.67
CA VAL A 93 21.58 20.38 -4.62
C VAL A 93 21.33 19.77 -6.00
N SER A 94 21.50 20.56 -7.04
CA SER A 94 21.33 19.99 -8.38
C SER A 94 22.69 19.61 -8.95
N GLY A 95 22.67 18.60 -9.81
CA GLY A 95 23.84 18.25 -10.61
C GLY A 95 24.80 17.34 -9.90
N PHE A 96 25.98 17.20 -10.51
CA PHE A 96 26.97 16.25 -10.04
C PHE A 96 27.54 16.57 -8.65
N SER A 97 27.49 17.83 -8.23
CA SER A 97 27.97 18.18 -6.89
C SER A 97 27.14 17.46 -5.81
N GLY A 98 25.97 16.95 -6.20
CA GLY A 98 25.15 16.15 -5.31
C GLY A 98 25.81 14.90 -4.72
N LEU A 99 26.74 14.30 -5.45
CA LEU A 99 27.43 13.12 -4.95
C LEU A 99 28.25 13.41 -3.68
N ARG A 100 29.14 14.41 -3.70
CA ARG A 100 29.87 14.75 -2.46
C ARG A 100 28.94 15.32 -1.39
N ALA A 101 27.90 16.06 -1.80
CA ALA A 101 26.94 16.61 -0.82
C ALA A 101 26.26 15.48 -0.01
N VAL A 102 25.82 14.44 -0.69
CA VAL A 102 25.20 13.26 -0.06
C VAL A 102 26.17 12.49 0.83
N LEU A 103 27.39 12.29 0.35
CA LEU A 103 28.40 11.58 1.16
C LEU A 103 28.71 12.32 2.47
N ALA A 104 28.86 13.64 2.37
CA ALA A 104 29.11 14.47 3.53
C ALA A 104 27.89 14.48 4.50
N SER A 105 26.67 14.53 3.94
CA SER A 105 25.45 14.52 4.76
C SER A 105 25.27 13.20 5.51
N LEU A 106 25.60 12.09 4.85
CA LEU A 106 25.57 10.80 5.51
C LEU A 106 26.55 10.71 6.71
N GLU A 107 27.70 11.35 6.55
CA GLU A 107 28.72 11.37 7.59
C GLU A 107 28.29 12.14 8.85
N HIS A 108 27.52 13.22 8.68
CA HIS A 108 27.33 14.20 9.75
C HIS A 108 25.90 14.38 10.22
N SER A 109 25.01 13.59 9.65
CA SER A 109 23.61 13.80 9.85
C SER A 109 23.02 12.48 10.40
N LYS A 110 21.95 12.56 11.17
CA LYS A 110 21.21 11.36 11.60
C LYS A 110 20.23 10.86 10.51
N ARG A 111 19.69 11.80 9.75
CA ARG A 111 18.81 11.44 8.64
C ARG A 111 19.15 12.25 7.41
N VAL A 112 19.21 11.57 6.28
CA VAL A 112 19.39 12.27 5.01
C VAL A 112 18.10 12.15 4.18
N CYS A 113 17.54 13.29 3.79
CA CYS A 113 16.43 13.31 2.81
C CYS A 113 17.02 13.56 1.42
N LEU A 114 16.95 12.55 0.58
CA LEU A 114 17.65 12.61 -0.71
C LEU A 114 16.79 13.16 -1.85
N ALA A 115 17.15 14.34 -2.35
CA ALA A 115 16.59 14.92 -3.57
C ALA A 115 17.71 15.36 -4.50
N ASN A 116 18.68 14.49 -4.73
CA ASN A 116 19.64 14.69 -5.77
C ASN A 116 19.81 13.33 -6.38
N LYS A 117 19.61 13.26 -7.70
CA LYS A 117 19.67 12.00 -8.43
C LYS A 117 21.08 11.57 -8.85
N GLU A 118 21.94 12.53 -9.16
CA GLU A 118 23.30 12.24 -9.66
C GLU A 118 24.08 11.39 -8.70
N SER A 119 23.88 11.61 -7.40
CA SER A 119 24.58 10.86 -6.39
C SER A 119 24.40 9.36 -6.55
N LEU A 120 23.19 8.90 -6.86
CA LEU A 120 22.95 7.46 -7.02
C LEU A 120 23.26 6.94 -8.44
N VAL A 121 22.94 7.75 -9.43
CA VAL A 121 23.20 7.42 -10.84
C VAL A 121 24.69 7.23 -11.07
N CYS A 122 25.48 8.22 -10.66
CA CYS A 122 26.95 8.22 -10.93
C CYS A 122 27.73 7.48 -9.87
N GLY A 123 27.33 7.64 -8.62
CA GLY A 123 28.10 7.08 -7.51
C GLY A 123 27.30 6.31 -6.47
N GLY A 124 26.25 5.63 -6.90
CA GLY A 124 25.50 4.74 -6.00
C GLY A 124 26.29 3.78 -5.12
N PHE A 125 27.36 3.19 -5.67
CA PHE A 125 28.18 2.25 -4.89
C PHE A 125 28.87 2.92 -3.72
N LEU A 126 29.28 4.16 -3.92
CA LEU A 126 29.91 4.97 -2.90
C LEU A 126 28.91 5.37 -1.79
N VAL A 127 27.71 5.77 -2.19
CA VAL A 127 26.61 6.07 -1.25
C VAL A 127 26.23 4.86 -0.41
N LYS A 128 26.07 3.68 -1.04
CA LYS A 128 25.70 2.48 -0.31
C LYS A 128 26.78 2.04 0.69
N LYS A 129 28.04 2.20 0.30
CA LYS A 129 29.14 1.85 1.15
C LYS A 129 29.13 2.76 2.39
N LYS A 130 28.98 4.06 2.17
CA LYS A 130 28.88 5.06 3.26
C LYS A 130 27.64 4.83 4.15
N LEU A 131 26.51 4.48 3.53
CA LEU A 131 25.30 4.12 4.31
C LEU A 131 25.53 2.96 5.26
N LYS A 132 26.19 1.93 4.75
CA LYS A 132 26.45 0.76 5.55
C LYS A 132 27.44 1.08 6.68
N GLU A 133 28.45 1.90 6.40
CA GLU A 133 29.43 2.22 7.42
C GLU A 133 28.82 3.08 8.54
N LYS A 134 28.00 4.06 8.16
CA LYS A 134 27.50 5.06 9.10
C LYS A 134 26.16 4.70 9.76
N GLY A 135 25.31 3.94 9.09
CA GLY A 135 23.98 3.62 9.61
C GLY A 135 22.96 4.76 9.53
N THR A 136 23.33 5.88 8.91
CA THR A 136 22.46 7.03 8.74
C THR A 136 21.14 6.64 8.09
N GLU A 137 20.03 7.25 8.50
CA GLU A 137 18.74 6.98 7.84
C GLU A 137 18.72 7.70 6.52
N LEU A 138 18.25 7.04 5.47
CA LEU A 138 18.12 7.74 4.20
C LEU A 138 16.71 7.55 3.66
N ILE A 139 16.03 8.65 3.39
CA ILE A 139 14.66 8.57 2.85
C ILE A 139 14.59 9.35 1.53
N PRO A 140 14.11 8.70 0.45
CA PRO A 140 14.05 9.44 -0.83
C PRO A 140 12.98 10.52 -0.85
N VAL A 141 13.26 11.66 -1.49
CA VAL A 141 12.27 12.74 -1.59
C VAL A 141 11.50 12.63 -2.94
N ASP A 142 12.14 12.06 -3.95
CA ASP A 142 11.49 11.90 -5.27
C ASP A 142 10.12 11.25 -5.07
N SER A 143 9.08 11.74 -5.77
CA SER A 143 7.73 11.30 -5.50
C SER A 143 7.54 9.81 -5.80
N GLU A 144 8.18 9.32 -6.85
CA GLU A 144 8.06 7.91 -7.22
C GLU A 144 8.80 7.02 -6.19
N HIS A 145 9.99 7.41 -5.76
CA HIS A 145 10.71 6.56 -4.77
C HIS A 145 10.07 6.66 -3.37
N SER A 146 9.52 7.81 -3.07
CA SER A 146 8.75 7.97 -1.82
C SER A 146 7.57 7.00 -1.77
N ALA A 147 6.81 6.95 -2.86
CA ALA A 147 5.70 6.01 -3.03
C ALA A 147 6.14 4.55 -2.87
N ILE A 148 7.20 4.18 -3.58
CA ILE A 148 7.73 2.83 -3.47
C ILE A 148 8.21 2.53 -2.05
N PHE A 149 8.87 3.49 -1.44
CA PHE A 149 9.41 3.33 -0.07
C PHE A 149 8.26 2.92 0.87
N GLN A 150 7.09 3.50 0.66
CA GLN A 150 5.94 3.32 1.53
C GLN A 150 5.25 1.95 1.36
N VAL A 151 5.47 1.30 0.22
CA VAL A 151 4.87 -0.01 -0.01
C VAL A 151 5.83 -1.18 -0.26
N MET A 152 7.14 -0.89 -0.31
CA MET A 152 8.14 -1.91 -0.66
C MET A 152 8.16 -3.04 0.35
N GLU A 153 8.38 -4.26 -0.13
CA GLU A 153 8.71 -5.37 0.76
C GLU A 153 9.79 -6.26 0.17
N PRO A 154 10.34 -7.22 0.96
CA PRO A 154 11.51 -7.99 0.50
C PRO A 154 11.25 -8.84 -0.72
N GLU A 155 10.02 -9.27 -0.94
CA GLU A 155 9.75 -10.14 -2.06
C GLU A 155 8.73 -9.51 -3.01
N VAL A 156 9.17 -9.10 -4.19
CA VAL A 156 8.29 -8.44 -5.15
C VAL A 156 8.45 -9.10 -6.50
N GLU A 157 7.39 -9.09 -7.30
CA GLU A 157 7.47 -9.52 -8.69
C GLU A 157 8.07 -8.37 -9.47
N LYS A 158 7.45 -7.20 -9.34
CA LYS A 158 7.82 -6.02 -10.11
C LYS A 158 7.58 -4.75 -9.32
N VAL A 159 8.43 -3.76 -9.57
CA VAL A 159 8.23 -2.40 -9.09
C VAL A 159 7.87 -1.54 -10.31
N VAL A 160 6.75 -0.84 -10.18
CA VAL A 160 6.26 -0.03 -11.27
C VAL A 160 6.47 1.43 -10.93
N LEU A 161 7.25 2.08 -11.78
CA LEU A 161 7.40 3.53 -11.77
C LEU A 161 6.52 4.12 -12.87
N THR A 162 5.91 5.26 -12.60
CA THR A 162 5.04 5.88 -13.62
C THR A 162 5.71 7.12 -14.17
N ALA A 163 5.32 7.55 -15.37
CA ALA A 163 5.93 8.71 -16.00
C ALA A 163 4.85 9.46 -16.75
N SER A 164 4.95 10.79 -16.80
CA SER A 164 4.02 11.59 -17.62
C SER A 164 4.17 11.37 -19.12
N GLY A 165 5.38 11.03 -19.58
CA GLY A 165 5.67 10.91 -21.00
C GLY A 165 6.23 12.20 -21.57
N GLY A 166 6.21 13.23 -20.73
CA GLY A 166 6.79 14.54 -21.05
C GLY A 166 5.95 15.39 -21.98
N ALA A 167 6.43 16.61 -22.22
CA ALA A 167 5.73 17.63 -23.01
C ALA A 167 5.35 17.25 -24.43
N LEU A 168 6.02 16.27 -25.02
CA LEU A 168 5.77 15.89 -26.42
C LEU A 168 5.20 14.50 -26.53
N ARG A 169 4.61 14.00 -25.44
CA ARG A 169 4.07 12.65 -25.42
C ARG A 169 2.97 12.45 -26.48
N ASP A 170 2.38 13.55 -26.91
CA ASP A 170 1.28 13.48 -27.89
C ASP A 170 1.75 13.64 -29.34
N TRP A 171 2.89 14.29 -29.53
CA TRP A 171 3.47 14.54 -30.84
C TRP A 171 3.79 13.28 -31.64
N LYS A 172 3.79 13.44 -32.96
CA LYS A 172 4.29 12.41 -33.89
C LYS A 172 5.80 12.27 -33.73
N ILE A 173 6.29 11.05 -33.90
CA ILE A 173 7.71 10.71 -33.86
C ILE A 173 8.51 11.66 -34.77
N SER A 174 7.99 11.85 -35.99
CA SER A 174 8.59 12.71 -37.02
C SER A 174 8.76 14.18 -36.64
N LYS A 175 7.86 14.71 -35.81
CA LYS A 175 7.94 16.12 -35.40
C LYS A 175 8.80 16.40 -34.17
N ILE A 176 9.05 15.36 -33.37
CA ILE A 176 9.82 15.48 -32.12
C ILE A 176 11.27 15.91 -32.36
N ASP A 177 11.92 15.24 -33.30
CA ASP A 177 13.30 15.56 -33.71
C ASP A 177 13.55 17.07 -33.78
N ARG A 178 12.56 17.80 -34.31
CA ARG A 178 12.71 19.23 -34.63
C ARG A 178 12.29 20.21 -33.54
N ALA A 179 11.78 19.68 -32.43
CA ALA A 179 11.22 20.51 -31.35
C ALA A 179 12.22 21.53 -30.82
N ARG A 180 11.69 22.66 -30.34
CA ARG A 180 12.45 23.78 -29.79
C ARG A 180 12.16 23.86 -28.28
N PRO A 181 12.96 24.63 -27.51
CA PRO A 181 12.56 24.92 -26.13
C PRO A 181 11.10 25.37 -25.96
N GLU A 182 10.61 26.22 -26.86
CA GLU A 182 9.21 26.68 -26.89
C GLU A 182 8.21 25.52 -26.89
N ASP A 183 8.58 24.42 -27.55
CA ASP A 183 7.67 23.30 -27.71
C ASP A 183 7.71 22.38 -26.50
N VAL A 184 8.70 22.60 -25.63
CA VAL A 184 9.03 21.68 -24.53
C VAL A 184 8.70 22.31 -23.18
N LEU A 185 8.94 23.62 -23.07
CA LEU A 185 8.87 24.34 -21.80
C LEU A 185 7.53 25.06 -21.53
N ALA A 194 14.25 24.77 -18.20
CA ALA A 194 14.42 23.92 -16.98
C ALA A 194 14.87 22.52 -17.35
N ARG A 195 15.98 22.08 -16.74
CA ARG A 195 16.54 20.75 -17.03
C ARG A 195 15.54 19.63 -16.80
N ILE A 196 14.89 19.63 -15.62
CA ILE A 196 13.98 18.58 -15.24
C ILE A 196 12.89 18.43 -16.28
N THR A 197 12.38 19.58 -16.74
CA THR A 197 11.39 19.60 -17.81
C THR A 197 11.92 18.93 -19.09
N VAL A 198 13.13 19.26 -19.51
CA VAL A 198 13.70 18.61 -20.71
C VAL A 198 13.91 17.10 -20.48
N ASP A 199 14.47 16.74 -19.34
CA ASP A 199 14.66 15.34 -18.97
C ASP A 199 13.37 14.51 -18.95
N SER A 200 12.25 15.13 -18.60
CA SER A 200 10.94 14.45 -18.63
C SER A 200 10.47 14.21 -20.05
N ALA A 201 10.88 15.09 -20.95
CA ALA A 201 10.46 15.02 -22.33
C ALA A 201 11.23 13.94 -23.09
N THR A 202 12.49 13.75 -22.75
CA THR A 202 13.33 12.67 -23.31
C THR A 202 13.19 11.39 -22.51
N MET A 203 12.64 11.49 -21.30
CA MET A 203 12.56 10.37 -20.35
C MET A 203 13.92 9.95 -19.78
N VAL A 204 14.92 10.82 -19.95
CA VAL A 204 16.17 10.68 -19.25
C VAL A 204 15.93 10.75 -17.73
N ASN A 205 15.02 11.60 -17.30
CA ASN A 205 14.71 11.66 -15.85
C ASN A 205 14.20 10.31 -15.33
N LYS A 206 13.37 9.66 -16.13
CA LYS A 206 12.87 8.36 -15.76
C LYS A 206 13.96 7.29 -15.76
N ALA A 207 14.95 7.42 -16.68
CA ALA A 207 16.10 6.53 -16.67
C ALA A 207 16.94 6.72 -15.38
N PHE A 208 17.12 7.97 -14.94
CA PHE A 208 17.78 8.22 -13.66
C PHE A 208 17.00 7.53 -12.52
N GLU A 209 15.67 7.62 -12.55
CA GLU A 209 14.84 7.08 -11.47
C GLU A 209 14.89 5.57 -11.37
N VAL A 210 14.99 4.90 -12.52
CA VAL A 210 15.21 3.44 -12.55
C VAL A 210 16.53 3.07 -11.85
N LEU A 211 17.62 3.74 -12.21
CA LEU A 211 18.92 3.50 -11.58
C LEU A 211 18.85 3.81 -10.09
N GLU A 212 18.23 4.92 -9.73
CA GLU A 212 18.02 5.24 -8.29
C GLU A 212 17.22 4.19 -7.52
N ALA A 213 16.15 3.68 -8.13
CA ALA A 213 15.36 2.62 -7.50
C ALA A 213 16.15 1.33 -7.32
N MET A 214 17.06 1.05 -8.26
CA MET A 214 17.92 -0.12 -8.16
C MET A 214 18.83 0.01 -6.94
N GLU A 215 19.41 1.19 -6.77
CA GLU A 215 20.29 1.52 -5.64
C GLU A 215 19.54 1.54 -4.31
N LEU A 216 18.41 2.24 -4.26
CA LEU A 216 17.62 2.40 -3.02
C LEU A 216 17.04 1.10 -2.49
N PHE A 217 16.50 0.30 -3.40
CA PHE A 217 15.72 -0.87 -3.00
C PHE A 217 16.38 -2.21 -3.33
N GLU A 218 17.64 -2.19 -3.77
CA GLU A 218 18.41 -3.41 -4.08
C GLU A 218 17.68 -4.25 -5.10
N LEU A 219 17.12 -3.59 -6.09
CA LEU A 219 16.31 -4.23 -7.10
C LEU A 219 17.17 -4.56 -8.32
N PRO A 220 17.05 -5.79 -8.86
CA PRO A 220 17.62 -6.06 -10.19
C PRO A 220 16.91 -5.23 -11.25
N PHE A 221 17.62 -4.88 -12.31
CA PHE A 221 17.04 -4.12 -13.42
C PHE A 221 15.74 -4.74 -13.93
N GLU A 222 15.73 -6.07 -13.95
CA GLU A 222 14.63 -6.85 -14.50
C GLU A 222 13.31 -6.75 -13.72
N LYS A 223 13.40 -6.32 -12.46
CA LYS A 223 12.23 -6.22 -11.62
C LYS A 223 11.55 -4.86 -11.68
N ILE A 224 12.13 -3.93 -12.46
CA ILE A 224 11.57 -2.59 -12.62
C ILE A 224 10.80 -2.47 -13.93
N GLU A 225 9.62 -1.84 -13.88
CA GLU A 225 8.78 -1.56 -15.04
C GLU A 225 8.45 -0.09 -15.05
N VAL A 226 8.55 0.55 -16.21
CA VAL A 226 8.10 1.94 -16.31
C VAL A 226 6.87 2.00 -17.22
N LYS A 227 5.82 2.67 -16.75
CA LYS A 227 4.61 2.90 -17.53
C LYS A 227 4.37 4.38 -17.64
N ILE A 228 3.99 4.83 -18.83
CA ILE A 228 3.48 6.18 -18.99
C ILE A 228 2.08 6.18 -18.40
N HIS A 229 1.84 7.15 -17.54
CA HIS A 229 0.60 7.24 -16.79
C HIS A 229 0.13 8.66 -16.91
N ARG A 230 -0.70 8.86 -17.92
CA ARG A 230 -1.22 10.15 -18.36
C ARG A 230 -1.75 10.98 -17.20
N GLU A 231 -2.57 10.36 -16.36
CA GLU A 231 -3.28 11.08 -15.28
C GLU A 231 -2.49 11.63 -14.08
N GLY A 232 -1.28 11.12 -13.81
CA GLY A 232 -0.41 11.66 -12.75
C GLY A 232 -0.80 11.40 -11.29
N LEU A 233 -1.64 10.38 -11.08
CA LEU A 233 -2.18 10.04 -9.76
C LEU A 233 -1.40 8.94 -9.06
N VAL A 234 -1.11 7.85 -9.77
CA VAL A 234 -0.35 6.74 -9.22
C VAL A 234 1.15 7.08 -9.32
N HIS A 235 1.81 7.13 -8.17
CA HIS A 235 3.24 7.50 -8.09
C HIS A 235 4.15 6.29 -7.96
N GLY A 236 3.59 5.12 -7.74
CA GLY A 236 4.39 3.92 -7.71
C GLY A 236 3.51 2.77 -7.31
N ALA A 237 3.93 1.58 -7.72
CA ALA A 237 3.21 0.37 -7.37
C ALA A 237 4.20 -0.78 -7.19
N VAL A 238 3.79 -1.74 -6.39
CA VAL A 238 4.58 -2.92 -6.11
C VAL A 238 3.68 -4.10 -6.42
N VAL A 239 4.12 -4.94 -7.34
CA VAL A 239 3.40 -6.13 -7.79
C VAL A 239 4.02 -7.28 -7.02
N LEU A 240 3.21 -8.01 -6.26
CA LEU A 240 3.71 -9.03 -5.33
C LEU A 240 3.48 -10.40 -5.92
N PRO A 241 4.22 -11.42 -5.43
CA PRO A 241 4.13 -12.79 -5.98
C PRO A 241 2.72 -13.39 -5.95
N ASP A 242 1.88 -12.95 -5.01
CA ASP A 242 0.56 -13.57 -4.75
C ASP A 242 -0.66 -13.04 -5.52
N GLY A 243 -0.50 -12.00 -6.33
CA GLY A 243 -1.65 -11.38 -7.00
C GLY A 243 -1.99 -10.00 -6.44
N ASN A 244 -1.55 -9.72 -5.22
CA ASN A 244 -1.78 -8.42 -4.60
C ASN A 244 -0.92 -7.36 -5.29
N VAL A 245 -1.45 -6.14 -5.39
CA VAL A 245 -0.71 -4.97 -5.86
C VAL A 245 -0.96 -3.84 -4.89
N LYS A 246 0.13 -3.28 -4.35
CA LYS A 246 0.04 -2.12 -3.49
C LYS A 246 0.41 -0.90 -4.31
N MET A 247 -0.51 0.05 -4.38
CA MET A 247 -0.28 1.26 -5.15
C MET A 247 -0.36 2.46 -4.26
N VAL A 248 0.39 3.49 -4.63
CA VAL A 248 0.34 4.77 -3.92
C VAL A 248 -0.19 5.84 -4.85
N VAL A 249 -1.27 6.48 -4.41
CA VAL A 249 -1.88 7.60 -5.12
C VAL A 249 -1.73 8.87 -4.29
N SER A 250 -1.50 10.00 -4.93
CA SER A 250 -1.57 11.26 -4.21
C SER A 250 -1.70 12.41 -5.19
N PRO A 251 -2.03 13.61 -4.71
CA PRO A 251 -1.95 14.77 -5.58
C PRO A 251 -0.50 14.97 -6.00
N PRO A 252 -0.29 15.61 -7.17
CA PRO A 252 1.04 15.77 -7.69
C PRO A 252 1.66 17.04 -7.09
N ASP A 253 2.08 16.96 -5.83
CA ASP A 253 2.63 18.12 -5.12
C ASP A 253 3.85 17.61 -4.33
N MET A 254 5.04 18.12 -4.64
CA MET A 254 6.29 17.61 -4.02
C MET A 254 6.34 17.87 -2.53
N ARG A 255 5.47 18.76 -2.01
CA ARG A 255 5.44 19.00 -0.55
C ARG A 255 5.04 17.76 0.24
N ILE A 256 4.31 16.87 -0.40
CA ILE A 256 3.89 15.58 0.17
C ILE A 256 5.08 14.67 0.48
N PRO A 257 5.86 14.24 -0.54
CA PRO A 257 7.06 13.43 -0.21
C PRO A 257 8.14 14.15 0.57
N ILE A 258 8.24 15.47 0.41
CA ILE A 258 9.16 16.27 1.27
C ILE A 258 8.76 16.09 2.73
N SER A 259 7.46 16.31 2.99
CA SER A 259 6.92 16.23 4.36
C SER A 259 7.12 14.83 4.95
N TYR A 260 6.95 13.81 4.12
CA TYR A 260 7.07 12.44 4.55
C TYR A 260 8.49 12.10 4.98
N ALA A 261 9.48 12.51 4.17
CA ALA A 261 10.86 12.23 4.48
C ALA A 261 11.32 13.03 5.71
N LEU A 262 10.87 14.28 5.84
CA LEU A 262 11.16 15.11 7.00
C LEU A 262 10.61 14.55 8.33
N PHE A 263 9.36 14.09 8.31
CA PHE A 263 8.67 13.78 9.57
C PHE A 263 8.49 12.31 9.87
N TYR A 264 8.92 11.46 8.94
CA TYR A 264 8.84 10.01 9.12
C TYR A 264 9.38 9.68 10.53
N PRO A 265 8.75 8.72 11.27
CA PRO A 265 7.60 7.88 10.93
C PRO A 265 6.24 8.54 11.16
N ARG A 266 6.19 9.84 11.46
CA ARG A 266 4.90 10.51 11.58
C ARG A 266 4.33 10.91 10.20
N ARG A 267 3.00 11.00 10.12
CA ARG A 267 2.32 11.53 8.92
C ARG A 267 1.92 12.96 9.25
N VAL A 268 2.35 13.89 8.42
CA VAL A 268 2.01 15.32 8.53
C VAL A 268 0.58 15.53 8.06
N ALA A 269 -0.18 16.36 8.77
CA ALA A 269 -1.54 16.68 8.35
C ALA A 269 -1.46 17.77 7.29
N LEU A 270 -1.65 17.40 6.03
CA LEU A 270 -1.70 18.42 4.99
C LEU A 270 -3.13 18.43 4.52
N GLU A 271 -3.38 17.98 3.30
CA GLU A 271 -4.75 17.79 2.78
C GLU A 271 -4.95 16.37 2.27
N PRO A 272 -5.86 15.62 2.90
CA PRO A 272 -6.12 14.25 2.46
C PRO A 272 -6.69 14.19 1.05
N PHE A 273 -6.35 13.12 0.33
CA PHE A 273 -6.81 12.83 -1.00
C PHE A 273 -8.06 11.97 -0.86
N PHE A 274 -9.21 12.58 -0.63
CA PHE A 274 -10.40 11.74 -0.51
C PHE A 274 -10.85 11.11 -1.83
N LEU A 275 -11.23 9.84 -1.75
CA LEU A 275 -11.46 8.99 -2.93
C LEU A 275 -12.64 9.44 -3.80
N ARG A 276 -12.42 9.42 -5.11
CA ARG A 276 -13.48 9.65 -6.09
C ARG A 276 -13.16 8.79 -7.30
N THR A 277 -14.11 8.66 -8.23
CA THR A 277 -13.91 7.91 -9.46
C THR A 277 -12.73 8.53 -10.24
N ILE A 278 -11.90 7.65 -10.82
CA ILE A 278 -10.62 8.05 -11.45
C ILE A 278 -10.28 7.18 -12.66
N SER A 279 -9.50 7.76 -13.56
CA SER A 279 -9.03 7.09 -14.76
C SER A 279 -7.57 6.76 -14.54
N LEU A 280 -7.20 5.49 -14.70
CA LEU A 280 -5.81 5.08 -14.50
C LEU A 280 -5.28 4.35 -15.74
N SER A 281 -4.61 5.09 -16.62
CA SER A 281 -4.03 4.46 -17.83
C SER A 281 -2.54 4.15 -17.68
N PHE A 282 -2.14 2.99 -18.20
CA PHE A 282 -0.76 2.51 -18.16
C PHE A 282 -0.31 1.94 -19.51
N GLU A 283 0.62 2.64 -20.17
CA GLU A 283 1.18 2.20 -21.45
C GLU A 283 2.72 2.16 -21.46
N ASP A 284 3.27 1.22 -22.22
CA ASP A 284 4.73 1.12 -22.40
C ASP A 284 5.29 2.33 -23.16
N PRO A 285 6.45 2.87 -22.72
CA PRO A 285 7.11 3.96 -23.47
C PRO A 285 7.54 3.49 -24.87
N ASP A 286 7.32 4.33 -25.88
CA ASP A 286 7.67 3.97 -27.26
C ASP A 286 9.17 4.18 -27.44
N PRO A 287 9.93 3.10 -27.74
CA PRO A 287 11.38 3.20 -27.99
C PRO A 287 11.75 4.23 -29.07
N GLU A 288 10.86 4.44 -30.05
CA GLU A 288 11.11 5.42 -31.11
C GLU A 288 10.86 6.84 -30.64
N LYS A 289 10.02 7.01 -29.63
CA LYS A 289 9.82 8.33 -29.06
C LYS A 289 10.86 8.68 -27.99
N TYR A 290 11.36 7.67 -27.27
CA TYR A 290 12.24 7.89 -26.09
C TYR A 290 13.53 7.10 -26.16
N PRO A 291 14.34 7.29 -27.23
CA PRO A 291 15.55 6.48 -27.39
C PRO A 291 16.59 6.59 -26.24
N ALA A 292 16.76 7.77 -25.64
CA ALA A 292 17.74 7.95 -24.57
C ALA A 292 17.38 7.14 -23.32
N PHE A 293 16.08 7.11 -23.00
CA PHE A 293 15.54 6.20 -21.95
C PHE A 293 15.94 4.75 -22.16
N PHE A 294 15.85 4.31 -23.41
CA PHE A 294 16.12 2.91 -23.68
C PHE A 294 17.59 2.53 -23.68
N LEU A 295 18.45 3.51 -23.42
CA LEU A 295 19.88 3.27 -23.17
C LEU A 295 20.18 2.62 -21.80
N LEU A 296 19.16 2.50 -20.94
CA LEU A 296 19.31 1.90 -19.61
C LEU A 296 19.98 0.54 -19.64
N LYS A 297 19.48 -0.34 -20.52
CA LYS A 297 20.01 -1.68 -20.62
C LYS A 297 21.51 -1.66 -20.92
N GLU A 298 21.94 -0.77 -21.81
CA GLU A 298 23.36 -0.60 -22.15
C GLU A 298 24.23 -0.15 -20.97
N ILE A 299 23.70 0.74 -20.13
CA ILE A 299 24.56 1.44 -19.14
C ILE A 299 24.47 0.93 -17.69
N LYS A 300 23.42 0.17 -17.38
CA LYS A 300 23.00 -0.10 -15.99
C LYS A 300 24.10 -0.66 -15.08
N ASP A 301 24.99 -1.46 -15.65
CA ASP A 301 25.97 -2.24 -14.86
C ASP A 301 27.26 -1.48 -14.69
N SER A 302 27.37 -0.32 -15.32
CA SER A 302 28.63 0.42 -15.31
C SER A 302 28.48 1.84 -14.80
N TYR A 303 29.14 2.13 -13.68
CA TYR A 303 29.12 3.46 -13.12
C TYR A 303 29.88 4.40 -14.02
N ALA A 304 30.79 3.87 -14.84
CA ALA A 304 31.46 4.72 -15.83
C ALA A 304 30.45 5.19 -16.89
N LEU A 305 29.69 4.24 -17.41
CA LEU A 305 28.67 4.54 -18.41
C LEU A 305 27.54 5.42 -17.87
N ARG A 306 27.09 5.11 -16.64
CA ARG A 306 26.03 5.90 -15.98
C ARG A 306 26.46 7.33 -15.75
N THR A 307 27.70 7.51 -15.32
CA THR A 307 28.27 8.84 -15.07
C THR A 307 28.41 9.63 -16.40
N ALA A 308 28.87 8.93 -17.44
CA ALA A 308 28.98 9.51 -18.80
C ALA A 308 27.60 9.87 -19.34
N PHE A 309 26.62 8.97 -19.14
CA PHE A 309 25.21 9.21 -19.52
C PHE A 309 24.73 10.53 -18.89
N ASN A 310 25.01 10.72 -17.61
CA ASN A 310 24.58 11.91 -16.91
C ASN A 310 25.30 13.15 -17.38
N ALA A 311 26.63 13.06 -17.46
CA ALA A 311 27.42 14.18 -18.01
C ALA A 311 26.99 14.65 -19.42
N ALA A 312 26.77 13.70 -20.33
CA ALA A 312 26.37 14.04 -21.70
C ALA A 312 24.97 14.67 -21.74
N ASP A 313 24.09 14.22 -20.85
CA ASP A 313 22.75 14.79 -20.79
C ASP A 313 22.84 16.23 -20.28
N GLU A 314 23.66 16.48 -19.28
CA GLU A 314 23.82 17.83 -18.76
C GLU A 314 24.26 18.78 -19.90
N VAL A 315 25.28 18.37 -20.65
CA VAL A 315 25.78 19.19 -21.79
C VAL A 315 24.72 19.38 -22.87
N ALA A 316 24.03 18.32 -23.22
CA ALA A 316 23.08 18.35 -24.34
C ALA A 316 21.85 19.20 -24.02
N VAL A 317 21.36 19.08 -22.79
CA VAL A 317 20.19 19.86 -22.36
C VAL A 317 20.53 21.35 -22.40
N GLU A 318 21.65 21.73 -21.79
CA GLU A 318 22.16 23.11 -21.80
C GLU A 318 22.30 23.65 -23.23
N ALA A 319 22.85 22.81 -24.12
CA ALA A 319 23.02 23.16 -25.54
C ALA A 319 21.68 23.31 -26.23
N PHE A 320 20.75 22.41 -25.93
CA PHE A 320 19.40 22.49 -26.48
C PHE A 320 18.73 23.81 -26.04
N LEU A 321 18.87 24.13 -24.76
CA LEU A 321 18.29 25.35 -24.22
C LEU A 321 18.90 26.62 -24.81
N LYS A 322 20.20 26.56 -25.14
CA LYS A 322 20.94 27.69 -25.72
C LYS A 322 20.65 27.85 -27.21
N GLY A 323 20.03 26.82 -27.78
CA GLY A 323 19.57 26.85 -29.16
C GLY A 323 20.57 26.25 -30.13
N ARG A 324 21.63 25.64 -29.61
CA ARG A 324 22.71 25.09 -30.45
C ARG A 324 22.27 23.85 -31.22
N ILE A 325 21.39 23.06 -30.61
CA ILE A 325 20.84 21.86 -31.25
C ILE A 325 19.32 21.83 -31.07
N ARG A 326 18.63 21.05 -31.91
CA ARG A 326 17.21 20.80 -31.72
C ARG A 326 17.06 19.70 -30.69
N PHE A 327 15.80 19.42 -30.35
CA PHE A 327 15.46 18.47 -29.31
C PHE A 327 15.97 17.04 -29.65
N GLY A 328 15.87 16.67 -30.92
CA GLY A 328 16.34 15.36 -31.40
C GLY A 328 17.84 15.15 -31.23
N GLY A 329 18.55 16.25 -31.03
CA GLY A 329 19.99 16.26 -30.82
C GLY A 329 20.43 15.76 -29.45
N ILE A 330 19.53 15.77 -28.46
CA ILE A 330 19.87 15.33 -27.09
C ILE A 330 20.29 13.87 -27.05
N HIS A 331 19.42 12.98 -27.49
CA HIS A 331 19.71 11.57 -27.42
C HIS A 331 20.93 11.23 -28.26
N ARG A 332 21.13 11.96 -29.36
CA ARG A 332 22.32 11.74 -30.21
C ARG A 332 23.61 12.12 -29.51
N VAL A 333 23.63 13.26 -28.81
CA VAL A 333 24.81 13.61 -28.00
C VAL A 333 25.11 12.55 -26.94
N ILE A 334 24.07 12.11 -26.24
CA ILE A 334 24.23 11.06 -25.23
C ILE A 334 24.82 9.80 -25.84
N GLU A 335 24.17 9.30 -26.90
CA GLU A 335 24.55 8.04 -27.57
C GLU A 335 26.00 8.06 -28.05
N LYS A 336 26.37 9.14 -28.72
CA LYS A 336 27.73 9.31 -29.27
C LYS A 336 28.79 9.44 -28.17
N THR A 337 28.43 10.10 -27.06
CA THR A 337 29.33 10.21 -25.92
C THR A 337 29.53 8.86 -25.23
N LEU A 338 28.46 8.10 -25.08
CA LEU A 338 28.58 6.77 -24.49
C LEU A 338 29.56 5.86 -25.26
N GLU A 339 29.52 5.92 -26.60
CA GLU A 339 30.43 5.10 -27.45
C GLU A 339 31.87 5.26 -27.04
N GLU A 340 32.23 6.48 -26.66
CA GLU A 340 33.59 6.77 -26.29
C GLU A 340 34.02 6.26 -24.91
N PHE A 341 33.07 5.69 -24.15
CA PHE A 341 33.40 5.18 -22.83
C PHE A 341 33.23 3.67 -22.76
N GLN A 342 33.00 3.03 -23.90
CA GLN A 342 32.87 1.56 -23.89
C GLN A 342 34.24 0.91 -23.55
N GLY A 343 34.20 -0.09 -22.68
CA GLY A 343 35.41 -0.71 -22.19
C GLY A 343 36.03 -0.06 -20.96
N TYR A 344 35.51 1.07 -20.52
CA TYR A 344 36.05 1.72 -19.32
C TYR A 344 35.92 0.77 -18.17
N PRO A 345 36.94 0.72 -17.31
CA PRO A 345 36.81 -0.12 -16.13
C PRO A 345 35.83 0.51 -15.12
N GLN A 346 35.26 -0.34 -14.26
CA GLN A 346 34.38 0.10 -13.20
C GLN A 346 35.12 1.08 -12.29
N PRO A 347 34.55 2.29 -12.07
CA PRO A 347 35.13 3.19 -11.08
C PRO A 347 35.17 2.53 -9.68
N ARG A 348 36.18 2.90 -8.88
CA ARG A 348 36.35 2.33 -7.52
C ARG A 348 36.29 3.39 -6.44
N THR A 349 36.56 4.65 -6.80
CA THR A 349 36.61 5.74 -5.82
C THR A 349 35.84 6.95 -6.33
N LEU A 350 35.55 7.87 -5.42
CA LEU A 350 35.04 9.18 -5.76
C LEU A 350 35.85 9.89 -6.84
N ASP A 351 37.18 9.84 -6.72
CA ASP A 351 38.04 10.49 -7.71
C ASP A 351 37.89 9.90 -9.11
N ASP A 352 37.78 8.58 -9.21
CA ASP A 352 37.49 7.89 -10.47
C ASP A 352 36.19 8.44 -11.09
N VAL A 353 35.12 8.50 -10.29
CA VAL A 353 33.83 9.00 -10.76
C VAL A 353 33.93 10.45 -11.23
N GLU A 354 34.60 11.31 -10.46
CA GLU A 354 34.74 12.72 -10.83
C GLU A 354 35.54 12.88 -12.13
N ARG A 355 36.58 12.06 -12.28
CA ARG A 355 37.37 12.01 -13.52
C ARG A 355 36.54 11.61 -14.72
N ILE A 356 35.72 10.56 -14.59
CA ILE A 356 34.87 10.15 -15.71
C ILE A 356 33.95 11.31 -16.06
N HIS A 357 33.35 11.92 -15.03
CA HIS A 357 32.41 13.01 -15.22
C HIS A 357 32.99 14.15 -16.06
N PHE A 358 34.15 14.66 -15.68
CA PHE A 358 34.76 15.78 -16.39
C PHE A 358 35.20 15.43 -17.81
N GLU A 359 35.73 14.23 -17.99
CA GLU A 359 36.07 13.71 -19.31
C GLU A 359 34.82 13.56 -20.19
N ALA A 360 33.72 13.10 -19.61
CA ALA A 360 32.47 12.96 -20.34
C ALA A 360 31.90 14.29 -20.73
N ILE A 361 31.99 15.29 -19.85
CA ILE A 361 31.54 16.63 -20.20
C ILE A 361 32.32 17.15 -21.44
N LYS A 362 33.63 16.90 -21.44
CA LYS A 362 34.52 17.34 -22.56
C LYS A 362 34.12 16.67 -23.86
N LYS A 363 34.00 15.34 -23.85
CA LYS A 363 33.57 14.61 -25.04
C LYS A 363 32.20 15.03 -25.56
N ALA A 364 31.23 15.17 -24.65
CA ALA A 364 29.89 15.57 -25.03
C ALA A 364 29.84 16.95 -25.68
N GLU A 365 30.71 17.85 -25.21
CA GLU A 365 30.81 19.19 -25.80
C GLU A 365 31.36 19.07 -27.23
N ARG A 366 32.38 18.24 -27.42
CA ARG A 366 32.92 18.03 -28.77
C ARG A 366 31.83 17.53 -29.70
N VAL A 367 31.08 16.52 -29.25
CA VAL A 367 29.98 15.96 -30.02
C VAL A 367 28.92 17.01 -30.32
N THR A 368 28.58 17.83 -29.31
CA THR A 368 27.60 18.88 -29.48
C THR A 368 28.03 19.88 -30.59
N GLU A 369 29.31 20.24 -30.62
CA GLU A 369 29.86 21.11 -31.66
C GLU A 369 29.62 20.57 -33.07
N TRP A 370 29.90 19.29 -33.29
CA TRP A 370 29.61 18.60 -34.53
C TRP A 370 28.13 18.70 -34.89
N LEU A 371 27.25 18.41 -33.93
CA LEU A 371 25.82 18.49 -34.18
C LEU A 371 25.34 19.93 -34.31
N SER A 372 26.17 20.87 -33.86
CA SER A 372 26.09 22.28 -34.29
C SER A 372 25.98 23.20 -33.09
N GLU B 3 8.71 -26.62 9.44
CA GLU B 3 7.35 -26.96 8.94
C GLU B 3 6.29 -26.63 9.98
N ARG B 4 5.14 -26.13 9.51
CA ARG B 4 4.08 -25.71 10.42
C ARG B 4 2.90 -26.65 10.38
N THR B 5 2.33 -26.91 11.56
CA THR B 5 1.10 -27.69 11.65
C THR B 5 -0.16 -26.80 11.58
N LEU B 6 -1.17 -27.31 10.88
CA LEU B 6 -2.44 -26.61 10.67
C LEU B 6 -3.67 -27.42 11.12
N VAL B 7 -4.58 -26.76 11.83
CA VAL B 7 -5.95 -27.26 12.00
C VAL B 7 -6.90 -26.38 11.22
N ILE B 8 -7.77 -26.98 10.39
CA ILE B 8 -8.86 -26.22 9.75
C ILE B 8 -10.17 -26.49 10.47
N LEU B 9 -10.68 -25.49 11.19
CA LEU B 9 -12.03 -25.60 11.74
C LEU B 9 -13.01 -25.20 10.64
N GLY B 10 -13.94 -26.08 10.33
CA GLY B 10 -14.91 -25.86 9.26
C GLY B 10 -14.34 -26.19 7.91
N ALA B 11 -13.72 -27.37 7.81
CA ALA B 11 -12.92 -27.74 6.64
C ALA B 11 -13.72 -28.08 5.40
N THR B 12 -15.01 -28.36 5.57
CA THR B 12 -15.87 -28.77 4.45
C THR B 12 -16.58 -27.60 3.80
N GLY B 13 -16.42 -26.40 4.35
CA GLY B 13 -17.05 -25.22 3.76
C GLY B 13 -16.24 -24.57 2.65
N SER B 14 -16.71 -23.43 2.16
CA SER B 14 -16.05 -22.74 1.05
C SER B 14 -14.60 -22.32 1.39
N ILE B 15 -14.41 -21.60 2.49
CA ILE B 15 -13.07 -21.19 2.92
C ILE B 15 -12.20 -22.41 3.21
N GLY B 16 -12.75 -23.36 3.97
CA GLY B 16 -12.13 -24.64 4.22
C GLY B 16 -11.57 -25.31 2.98
N THR B 17 -12.40 -25.51 1.96
CA THR B 17 -11.93 -26.18 0.74
C THR B 17 -10.92 -25.34 -0.05
N GLN B 18 -11.13 -24.02 -0.11
CA GLN B 18 -10.13 -23.11 -0.71
C GLN B 18 -8.78 -23.13 0.02
N THR B 19 -8.81 -23.31 1.33
CA THR B 19 -7.59 -23.49 2.13
C THR B 19 -6.89 -24.78 1.72
N LEU B 20 -7.68 -25.84 1.53
CA LEU B 20 -7.12 -27.15 1.12
C LEU B 20 -6.47 -27.04 -0.26
N ASP B 21 -7.09 -26.27 -1.15
CA ASP B 21 -6.54 -26.03 -2.47
C ASP B 21 -5.17 -25.32 -2.41
N VAL B 22 -5.04 -24.34 -1.51
CA VAL B 22 -3.77 -23.67 -1.29
C VAL B 22 -2.70 -24.62 -0.81
N LEU B 23 -3.05 -25.51 0.13
CA LEU B 23 -2.10 -26.49 0.66
C LEU B 23 -1.58 -27.47 -0.39
N LYS B 24 -2.34 -27.67 -1.46
CA LYS B 24 -1.93 -28.53 -2.57
C LYS B 24 -0.92 -27.80 -3.48
N LYS B 25 -1.13 -26.49 -3.65
CA LYS B 25 -0.26 -25.63 -4.47
C LYS B 25 1.04 -25.17 -3.80
N VAL B 26 1.12 -25.28 -2.47
CA VAL B 26 2.21 -24.64 -1.70
C VAL B 26 2.73 -25.53 -0.57
N LYS B 27 4.04 -25.54 -0.39
CA LYS B 27 4.69 -26.36 0.63
C LYS B 27 5.00 -25.59 1.91
N GLY B 28 5.10 -26.32 3.02
CA GLY B 28 5.55 -25.75 4.29
C GLY B 28 4.54 -25.85 5.41
N ILE B 29 3.35 -26.37 5.11
CA ILE B 29 2.27 -26.49 6.10
C ILE B 29 1.62 -27.87 6.04
N ARG B 30 1.63 -28.57 7.17
CA ARG B 30 1.03 -29.89 7.29
C ARG B 30 -0.31 -29.79 8.02
N LEU B 31 -1.36 -30.25 7.36
CA LEU B 31 -2.69 -30.33 7.98
C LEU B 31 -2.78 -31.56 8.88
N ILE B 32 -2.97 -31.34 10.17
CA ILE B 32 -3.03 -32.43 11.13
C ILE B 32 -4.41 -32.66 11.77
N GLY B 33 -5.37 -31.82 11.44
CA GLY B 33 -6.68 -31.93 12.11
C GLY B 33 -7.72 -31.09 11.42
N ILE B 34 -8.97 -31.58 11.43
CA ILE B 34 -10.09 -30.79 10.91
C ILE B 34 -11.28 -30.86 11.88
N SER B 35 -12.21 -29.92 11.70
CA SER B 35 -13.55 -30.04 12.26
C SER B 35 -14.52 -29.84 11.12
N PHE B 36 -15.70 -30.45 11.25
CA PHE B 36 -16.79 -30.25 10.32
C PHE B 36 -18.10 -30.46 11.09
N HIS B 37 -19.21 -30.12 10.45
CA HIS B 37 -20.48 -30.10 11.17
C HIS B 37 -21.35 -31.31 10.81
N SER B 38 -21.57 -31.54 9.52
CA SER B 38 -22.45 -32.63 9.09
C SER B 38 -22.15 -33.25 7.71
N ASN B 39 -21.26 -32.64 6.93
CA ASN B 39 -21.00 -33.10 5.56
C ASN B 39 -19.96 -34.24 5.53
N LEU B 40 -20.43 -35.45 5.84
CA LEU B 40 -19.58 -36.65 5.97
C LEU B 40 -18.87 -37.05 4.68
N GLU B 41 -19.58 -36.99 3.55
CA GLU B 41 -19.03 -37.30 2.24
C GLU B 41 -17.73 -36.53 2.02
N LEU B 42 -17.80 -35.20 2.05
CA LEU B 42 -16.62 -34.35 1.86
C LEU B 42 -15.58 -34.49 2.98
N ALA B 43 -16.03 -34.69 4.21
CA ALA B 43 -15.13 -34.83 5.36
C ALA B 43 -14.24 -36.06 5.24
N PHE B 44 -14.79 -37.15 4.72
CA PHE B 44 -14.06 -38.42 4.65
C PHE B 44 -13.03 -38.36 3.53
N LYS B 45 -13.40 -37.71 2.42
CA LYS B 45 -12.47 -37.53 1.31
C LYS B 45 -11.37 -36.52 1.59
N ILE B 46 -11.62 -35.56 2.49
CA ILE B 46 -10.55 -34.67 2.97
C ILE B 46 -9.57 -35.54 3.78
N VAL B 47 -10.13 -36.33 4.69
CA VAL B 47 -9.37 -37.23 5.58
C VAL B 47 -8.51 -38.22 4.79
N LYS B 48 -9.07 -38.76 3.70
CA LYS B 48 -8.35 -39.72 2.84
C LYS B 48 -7.26 -39.03 2.01
N GLU B 49 -7.62 -37.95 1.33
CA GLU B 49 -6.68 -37.21 0.48
C GLU B 49 -5.57 -36.48 1.20
N PHE B 50 -5.84 -36.01 2.44
CA PHE B 50 -4.82 -35.31 3.23
C PHE B 50 -4.23 -36.19 4.34
N ASN B 51 -4.65 -37.46 4.37
CA ASN B 51 -4.24 -38.40 5.39
C ASN B 51 -4.37 -37.79 6.81
N VAL B 52 -5.53 -37.22 7.09
CA VAL B 52 -5.78 -36.56 8.38
C VAL B 52 -6.11 -37.62 9.44
N LYS B 53 -5.45 -37.55 10.59
CA LYS B 53 -5.66 -38.51 11.68
C LYS B 53 -6.53 -38.00 12.80
N ASN B 54 -7.03 -36.77 12.66
CA ASN B 54 -7.74 -36.10 13.76
C ASN B 54 -8.96 -35.31 13.27
N VAL B 55 -10.11 -35.58 13.88
CA VAL B 55 -11.37 -35.01 13.41
C VAL B 55 -12.25 -34.65 14.61
N ALA B 56 -12.75 -33.42 14.62
CA ALA B 56 -13.77 -33.01 15.58
C ALA B 56 -15.08 -32.84 14.82
N ILE B 57 -16.14 -33.43 15.36
CA ILE B 57 -17.48 -33.31 14.80
C ILE B 57 -18.24 -32.34 15.69
N THR B 58 -18.89 -31.36 15.09
CA THR B 58 -19.64 -30.37 15.88
C THR B 58 -21.16 -30.54 15.77
N GLY B 59 -21.59 -31.29 14.77
CA GLY B 59 -22.97 -31.70 14.63
C GLY B 59 -23.23 -33.07 15.28
N ASP B 60 -24.47 -33.53 15.19
CA ASP B 60 -24.90 -34.78 15.82
C ASP B 60 -24.78 -35.86 14.74
N VAL B 61 -23.54 -36.20 14.42
CA VAL B 61 -23.28 -37.14 13.33
C VAL B 61 -22.32 -38.25 13.78
N GLU B 62 -22.40 -39.39 13.11
CA GLU B 62 -21.54 -40.52 13.44
C GLU B 62 -20.36 -40.58 12.48
N PHE B 63 -19.17 -40.86 13.01
CA PHE B 63 -17.99 -40.99 12.16
C PHE B 63 -17.24 -42.27 12.50
N GLU B 64 -17.50 -43.30 11.70
CA GLU B 64 -16.94 -44.65 11.90
C GLU B 64 -15.50 -44.76 11.40
N ASP B 65 -14.54 -44.73 12.32
CA ASP B 65 -13.14 -44.88 11.94
C ASP B 65 -12.24 -45.13 13.14
N SER B 66 -11.57 -46.26 13.13
CA SER B 66 -10.57 -46.59 14.15
C SER B 66 -9.15 -46.19 13.67
N SER B 67 -9.00 -45.91 12.39
CA SER B 67 -7.72 -45.43 11.83
C SER B 67 -7.33 -44.06 12.35
N ILE B 68 -8.31 -43.33 12.90
CA ILE B 68 -8.17 -41.90 13.22
C ILE B 68 -8.82 -41.53 14.55
N ASN B 69 -8.35 -40.46 15.18
CA ASN B 69 -8.97 -39.90 16.38
C ASN B 69 -10.20 -39.05 16.03
N VAL B 70 -11.33 -39.36 16.67
CA VAL B 70 -12.58 -38.62 16.43
C VAL B 70 -13.13 -38.04 17.72
N TRP B 71 -13.29 -36.71 17.74
CA TRP B 71 -13.95 -36.03 18.85
C TRP B 71 -15.39 -35.68 18.49
N LYS B 72 -16.26 -35.73 19.51
CA LYS B 72 -17.71 -35.51 19.34
C LYS B 72 -18.28 -34.82 20.58
N GLY B 73 -19.49 -34.31 20.47
CA GLY B 73 -20.11 -33.54 21.55
C GLY B 73 -19.83 -32.04 21.52
N SER B 74 -20.39 -31.31 22.48
CA SER B 74 -20.34 -29.85 22.51
C SER B 74 -18.95 -29.24 22.75
N HIS B 75 -17.98 -30.08 23.08
CA HIS B 75 -16.65 -29.57 23.38
C HIS B 75 -15.55 -30.13 22.47
N SER B 76 -15.96 -30.67 21.31
CA SER B 76 -15.05 -31.43 20.46
C SER B 76 -13.91 -30.61 19.87
N ILE B 77 -14.19 -29.36 19.50
CA ILE B 77 -13.13 -28.46 18.99
C ILE B 77 -12.12 -28.15 20.08
N GLU B 78 -12.61 -27.76 21.24
CA GLU B 78 -11.74 -27.39 22.36
C GLU B 78 -10.86 -28.55 22.83
N GLU B 79 -11.43 -29.76 22.79
CA GLU B 79 -10.71 -31.01 23.12
C GLU B 79 -9.63 -31.34 22.10
N MET B 80 -9.99 -31.35 20.81
CA MET B 80 -9.03 -31.67 19.76
C MET B 80 -7.87 -30.67 19.78
N LEU B 81 -8.18 -29.37 19.81
CA LEU B 81 -7.16 -28.32 19.84
C LEU B 81 -6.23 -28.42 21.03
N GLU B 82 -6.78 -28.75 22.20
CA GLU B 82 -5.95 -28.93 23.39
C GLU B 82 -5.01 -30.11 23.21
N ALA B 83 -5.45 -31.16 22.51
CA ALA B 83 -4.62 -32.32 22.21
C ALA B 83 -3.56 -32.02 21.15
N LEU B 84 -3.99 -31.38 20.06
CA LEU B 84 -3.12 -31.13 18.89
C LEU B 84 -2.16 -29.95 19.02
N LYS B 85 -2.57 -28.91 19.75
CA LYS B 85 -1.80 -27.67 19.86
C LYS B 85 -1.16 -27.25 18.51
N PRO B 86 -1.99 -26.94 17.49
CA PRO B 86 -1.40 -26.68 16.18
C PRO B 86 -0.62 -25.36 16.17
N ASP B 87 0.33 -25.21 15.25
CA ASP B 87 0.98 -23.92 15.05
C ASP B 87 -0.06 -22.88 14.57
N ILE B 88 -0.91 -23.31 13.63
CA ILE B 88 -1.89 -22.44 12.97
C ILE B 88 -3.27 -23.10 13.01
N THR B 89 -4.28 -22.34 13.45
CA THR B 89 -5.67 -22.75 13.23
C THR B 89 -6.33 -21.78 12.26
N MET B 90 -6.89 -22.33 11.19
CA MET B 90 -7.80 -21.61 10.32
C MET B 90 -9.20 -21.78 10.90
N VAL B 91 -9.80 -20.68 11.33
CA VAL B 91 -11.16 -20.73 11.89
C VAL B 91 -12.18 -20.36 10.80
N ALA B 92 -12.68 -21.38 10.10
CA ALA B 92 -13.59 -21.14 8.98
C ALA B 92 -15.00 -21.71 9.21
N VAL B 93 -15.39 -21.82 10.49
CA VAL B 93 -16.73 -22.24 10.86
C VAL B 93 -17.74 -21.12 10.54
N SER B 94 -18.94 -21.52 10.16
CA SER B 94 -19.95 -20.52 9.82
C SER B 94 -20.82 -20.33 11.05
N GLY B 95 -21.26 -19.09 11.24
CA GLY B 95 -22.31 -18.85 12.22
C GLY B 95 -21.77 -18.54 13.59
N PHE B 96 -22.67 -18.52 14.55
CA PHE B 96 -22.38 -18.03 15.89
C PHE B 96 -21.36 -18.88 16.64
N SER B 97 -21.32 -20.17 16.37
CA SER B 97 -20.42 -21.07 17.10
C SER B 97 -18.94 -20.73 16.83
N GLY B 98 -18.67 -19.91 15.80
CA GLY B 98 -17.32 -19.38 15.58
C GLY B 98 -16.72 -18.57 16.70
N LEU B 99 -17.57 -17.97 17.53
CA LEU B 99 -17.09 -17.22 18.68
C LEU B 99 -16.37 -18.18 19.65
N ARG B 100 -17.04 -19.27 20.05
CA ARG B 100 -16.41 -20.30 20.89
C ARG B 100 -15.15 -20.86 20.19
N ALA B 101 -15.26 -21.18 18.91
CA ALA B 101 -14.13 -21.74 18.13
C ALA B 101 -12.88 -20.81 18.13
N VAL B 102 -13.09 -19.52 17.88
CA VAL B 102 -11.97 -18.58 17.86
C VAL B 102 -11.31 -18.52 19.24
N LEU B 103 -12.12 -18.50 20.31
CA LEU B 103 -11.57 -18.38 21.65
C LEU B 103 -10.70 -19.59 22.02
N ALA B 104 -11.16 -20.78 21.66
CA ALA B 104 -10.41 -22.04 21.89
C ALA B 104 -9.18 -22.14 20.98
N SER B 105 -9.30 -21.59 19.77
CA SER B 105 -8.18 -21.52 18.85
C SER B 105 -7.05 -20.62 19.40
N LEU B 106 -7.41 -19.47 19.95
CA LEU B 106 -6.45 -18.57 20.56
C LEU B 106 -5.72 -19.18 21.77
N GLU B 107 -6.39 -20.13 22.45
CA GLU B 107 -5.83 -20.81 23.61
C GLU B 107 -4.74 -21.82 23.24
N HIS B 108 -4.79 -22.34 22.02
CA HIS B 108 -3.98 -23.52 21.65
C HIS B 108 -3.20 -23.43 20.33
N SER B 109 -3.24 -22.27 19.70
CA SER B 109 -2.50 -22.04 18.47
C SER B 109 -1.49 -20.93 18.68
N LYS B 110 -0.48 -20.88 17.82
CA LYS B 110 0.45 -19.75 17.81
C LYS B 110 -0.10 -18.63 16.91
N ARG B 111 -0.85 -19.03 15.89
CA ARG B 111 -1.51 -18.08 15.00
C ARG B 111 -2.95 -18.51 14.73
N VAL B 112 -3.88 -17.56 14.79
CA VAL B 112 -5.23 -17.82 14.28
C VAL B 112 -5.44 -17.05 12.98
N CYS B 113 -5.84 -17.77 11.93
CA CYS B 113 -6.31 -17.16 10.71
C CYS B 113 -7.83 -17.10 10.84
N LEU B 114 -8.36 -15.88 10.88
CA LEU B 114 -9.77 -15.69 11.17
C LEU B 114 -10.58 -15.51 9.91
N ALA B 115 -11.40 -16.53 9.61
CA ALA B 115 -12.52 -16.42 8.64
C ALA B 115 -13.85 -16.77 9.32
N ASN B 116 -14.19 -16.11 10.40
CA ASN B 116 -15.55 -16.16 10.94
C ASN B 116 -15.87 -14.75 11.40
N LYS B 117 -16.94 -14.16 10.86
CA LYS B 117 -17.33 -12.79 11.19
C LYS B 117 -18.02 -12.64 12.55
N GLU B 118 -18.85 -13.63 12.93
CA GLU B 118 -19.64 -13.53 14.16
C GLU B 118 -18.79 -13.40 15.41
N SER B 119 -17.61 -14.02 15.44
CA SER B 119 -16.73 -13.90 16.61
C SER B 119 -16.43 -12.43 16.95
N LEU B 120 -16.11 -11.60 15.95
CA LEU B 120 -15.80 -10.19 16.23
C LEU B 120 -17.03 -9.29 16.29
N VAL B 121 -18.01 -9.53 15.42
CA VAL B 121 -19.26 -8.75 15.45
C VAL B 121 -19.95 -8.87 16.80
N CYS B 122 -20.20 -10.11 17.22
CA CYS B 122 -20.85 -10.42 18.49
C CYS B 122 -19.96 -10.33 19.76
N GLY B 123 -18.73 -10.83 19.69
CA GLY B 123 -17.89 -10.97 20.88
C GLY B 123 -16.48 -10.46 20.72
N GLY B 124 -16.32 -9.40 19.93
CA GLY B 124 -15.00 -8.78 19.71
C GLY B 124 -14.26 -8.45 21.01
N PHE B 125 -14.99 -7.99 22.04
CA PHE B 125 -14.36 -7.63 23.33
C PHE B 125 -13.76 -8.86 24.01
N LEU B 126 -14.40 -10.00 23.82
CA LEU B 126 -13.96 -11.29 24.34
C LEU B 126 -12.70 -11.77 23.62
N VAL B 127 -12.70 -11.63 22.29
CA VAL B 127 -11.54 -11.95 21.46
C VAL B 127 -10.31 -11.07 21.82
N LYS B 128 -10.52 -9.77 21.94
CA LYS B 128 -9.43 -8.84 22.26
C LYS B 128 -8.78 -9.10 23.63
N LYS B 129 -9.60 -9.46 24.62
CA LYS B 129 -9.11 -9.83 25.94
C LYS B 129 -8.26 -11.12 25.89
N LYS B 130 -8.79 -12.17 25.26
CA LYS B 130 -8.07 -13.43 25.09
C LYS B 130 -6.74 -13.23 24.31
N LEU B 131 -6.77 -12.36 23.29
CA LEU B 131 -5.58 -12.01 22.51
C LEU B 131 -4.43 -11.43 23.37
N LYS B 132 -4.74 -10.46 24.21
CA LYS B 132 -3.67 -9.86 25.02
C LYS B 132 -3.23 -10.75 26.19
N GLU B 133 -4.06 -11.72 26.54
CA GLU B 133 -3.70 -12.70 27.55
C GLU B 133 -2.65 -13.66 27.01
N LYS B 134 -2.91 -14.17 25.80
CA LYS B 134 -2.11 -15.21 25.18
C LYS B 134 -0.98 -14.68 24.32
N GLY B 135 -1.16 -13.50 23.74
CA GLY B 135 -0.20 -12.97 22.78
C GLY B 135 -0.26 -13.64 21.42
N THR B 136 -1.32 -14.43 21.18
CA THR B 136 -1.47 -15.21 19.92
C THR B 136 -1.57 -14.25 18.72
N GLU B 137 -1.00 -14.65 17.58
CA GLU B 137 -1.21 -13.90 16.34
C GLU B 137 -2.63 -14.12 15.78
N LEU B 138 -3.25 -13.04 15.35
CA LEU B 138 -4.55 -13.17 14.66
C LEU B 138 -4.44 -12.43 13.35
N ILE B 139 -4.53 -13.15 12.24
CA ILE B 139 -4.52 -12.52 10.92
C ILE B 139 -5.86 -12.70 10.19
N PRO B 140 -6.48 -11.61 9.73
CA PRO B 140 -7.78 -11.76 9.05
C PRO B 140 -7.66 -12.41 7.66
N VAL B 141 -8.65 -13.24 7.32
CA VAL B 141 -8.73 -13.93 6.05
C VAL B 141 -9.68 -13.19 5.07
N ASP B 142 -10.67 -12.51 5.60
CA ASP B 142 -11.55 -11.67 4.79
C ASP B 142 -10.69 -10.80 3.83
N SER B 143 -11.01 -10.75 2.52
CA SER B 143 -10.15 -10.05 1.55
C SER B 143 -10.01 -8.55 1.81
N GLU B 144 -11.06 -7.89 2.33
CA GLU B 144 -10.97 -6.46 2.68
C GLU B 144 -10.04 -6.25 3.87
N HIS B 145 -10.22 -7.04 4.92
CA HIS B 145 -9.35 -6.92 6.12
C HIS B 145 -7.91 -7.31 5.79
N SER B 146 -7.75 -8.32 4.95
CA SER B 146 -6.39 -8.69 4.49
C SER B 146 -5.72 -7.50 3.81
N ALA B 147 -6.43 -6.85 2.90
CA ALA B 147 -5.94 -5.66 2.21
C ALA B 147 -5.53 -4.56 3.18
N ILE B 148 -6.41 -4.23 4.12
CA ILE B 148 -6.16 -3.16 5.07
C ILE B 148 -4.95 -3.54 5.96
N PHE B 149 -4.90 -4.80 6.39
CA PHE B 149 -3.81 -5.35 7.22
C PHE B 149 -2.46 -5.04 6.54
N GLN B 150 -2.45 -5.15 5.22
CA GLN B 150 -1.21 -4.97 4.43
C GLN B 150 -0.72 -3.52 4.34
N VAL B 151 -1.58 -2.55 4.57
CA VAL B 151 -1.22 -1.13 4.39
C VAL B 151 -1.51 -0.28 5.65
N MET B 152 -2.08 -0.90 6.69
CA MET B 152 -2.48 -0.16 7.88
C MET B 152 -1.28 0.55 8.55
N GLU B 153 -1.51 1.75 9.06
CA GLU B 153 -0.54 2.36 9.96
C GLU B 153 -1.30 3.19 10.98
N PRO B 154 -0.66 3.53 12.12
CA PRO B 154 -1.34 4.19 13.23
C PRO B 154 -2.05 5.50 12.90
N GLU B 155 -1.46 6.32 12.04
CA GLU B 155 -2.03 7.64 11.76
C GLU B 155 -2.87 7.75 10.48
N VAL B 156 -3.54 6.69 10.07
CA VAL B 156 -4.50 6.80 8.97
C VAL B 156 -5.56 7.83 9.29
N GLU B 157 -6.00 8.54 8.24
CA GLU B 157 -7.12 9.45 8.30
C GLU B 157 -8.43 8.69 8.07
N LYS B 158 -8.47 7.86 7.03
CA LYS B 158 -9.64 7.01 6.80
C LYS B 158 -9.17 5.65 6.38
N VAL B 159 -9.89 4.64 6.84
CA VAL B 159 -9.73 3.29 6.34
C VAL B 159 -10.90 3.09 5.38
N VAL B 160 -10.59 2.72 4.15
CA VAL B 160 -11.64 2.61 3.13
C VAL B 160 -11.91 1.15 2.80
N LEU B 161 -13.17 0.74 3.03
CA LEU B 161 -13.61 -0.59 2.62
C LEU B 161 -14.43 -0.44 1.34
N THR B 162 -14.22 -1.34 0.39
CA THR B 162 -14.97 -1.28 -0.85
C THR B 162 -16.06 -2.34 -0.87
N ALA B 163 -17.11 -2.07 -1.66
CA ALA B 163 -18.27 -2.97 -1.75
C ALA B 163 -18.70 -3.05 -3.19
N SER B 164 -19.11 -4.23 -3.63
CA SER B 164 -19.65 -4.38 -4.99
C SER B 164 -20.97 -3.63 -5.13
N GLY B 165 -21.68 -3.43 -4.02
CA GLY B 165 -23.05 -2.95 -4.07
C GLY B 165 -24.08 -4.07 -4.22
N GLY B 166 -23.59 -5.27 -4.53
CA GLY B 166 -24.41 -6.48 -4.62
C GLY B 166 -25.32 -6.55 -5.83
N ALA B 167 -26.11 -7.62 -5.92
CA ALA B 167 -26.87 -7.97 -7.14
C ALA B 167 -27.86 -6.94 -7.63
N LEU B 168 -28.39 -6.12 -6.72
CA LEU B 168 -29.43 -5.16 -7.06
C LEU B 168 -28.87 -3.76 -7.14
N ARG B 169 -27.55 -3.67 -7.27
CA ARG B 169 -26.89 -2.36 -7.24
C ARG B 169 -27.41 -1.38 -8.30
N ASP B 170 -27.81 -1.89 -9.47
CA ASP B 170 -28.29 -1.03 -10.56
C ASP B 170 -29.83 -0.92 -10.61
N TRP B 171 -30.50 -1.48 -9.61
CA TRP B 171 -31.96 -1.47 -9.56
C TRP B 171 -32.51 -0.19 -8.96
N LYS B 172 -33.69 0.20 -9.45
CA LYS B 172 -34.48 1.25 -8.84
C LYS B 172 -34.95 0.81 -7.45
N ILE B 173 -35.01 1.78 -6.53
CA ILE B 173 -35.38 1.56 -5.13
C ILE B 173 -36.75 0.90 -4.97
N SER B 174 -37.69 1.21 -5.87
CA SER B 174 -39.05 0.65 -5.77
C SER B 174 -39.05 -0.83 -6.12
N LYS B 175 -38.20 -1.22 -7.06
CA LYS B 175 -38.10 -2.62 -7.48
C LYS B 175 -37.38 -3.51 -6.42
N ILE B 176 -36.51 -2.88 -5.62
CA ILE B 176 -35.69 -3.60 -4.64
C ILE B 176 -36.52 -4.29 -3.55
N ASP B 177 -37.50 -3.58 -3.02
CA ASP B 177 -38.31 -4.12 -1.95
C ASP B 177 -38.95 -5.46 -2.30
N ARG B 178 -39.34 -5.63 -3.56
CA ARG B 178 -40.06 -6.83 -4.00
C ARG B 178 -39.19 -7.91 -4.61
N ALA B 179 -37.87 -7.74 -4.59
CA ALA B 179 -36.96 -8.71 -5.21
C ALA B 179 -37.08 -10.10 -4.56
N ARG B 180 -36.72 -11.13 -5.34
CA ARG B 180 -36.82 -12.55 -4.95
C ARG B 180 -35.44 -13.17 -4.91
N PRO B 181 -35.31 -14.37 -4.28
CA PRO B 181 -34.00 -15.01 -4.28
C PRO B 181 -33.36 -15.12 -5.67
N GLU B 182 -34.15 -15.41 -6.71
CA GLU B 182 -33.61 -15.59 -8.06
C GLU B 182 -32.94 -14.30 -8.58
N ASP B 183 -33.42 -13.15 -8.13
CA ASP B 183 -32.88 -11.84 -8.50
C ASP B 183 -31.53 -11.60 -7.84
N VAL B 184 -31.38 -12.10 -6.63
CA VAL B 184 -30.14 -11.88 -5.87
C VAL B 184 -29.09 -12.94 -6.22
N LEU B 185 -29.53 -14.19 -6.37
CA LEU B 185 -28.63 -15.36 -6.55
C LEU B 185 -28.23 -15.65 -8.02
N LYS B 186 -28.81 -14.88 -8.94
CA LYS B 186 -28.46 -14.96 -10.35
C LYS B 186 -28.80 -13.62 -10.97
N MET B 192 -19.22 -18.06 -3.90
CA MET B 192 -19.53 -17.18 -2.75
C MET B 192 -20.40 -17.91 -1.71
N GLY B 193 -21.57 -18.39 -2.11
CA GLY B 193 -22.52 -19.02 -1.18
C GLY B 193 -23.75 -18.15 -0.97
N ALA B 194 -24.88 -18.78 -0.61
CA ALA B 194 -26.19 -18.14 -0.56
C ALA B 194 -26.31 -16.99 0.44
N ARG B 195 -25.93 -17.21 1.71
CA ARG B 195 -26.01 -16.16 2.75
C ARG B 195 -25.16 -14.96 2.37
N ILE B 196 -23.93 -15.23 1.95
CA ILE B 196 -22.97 -14.17 1.66
C ILE B 196 -23.47 -13.33 0.51
N THR B 197 -24.08 -13.98 -0.48
CA THR B 197 -24.66 -13.28 -1.62
C THR B 197 -25.80 -12.35 -1.20
N VAL B 198 -26.70 -12.81 -0.30
CA VAL B 198 -27.78 -11.94 0.20
C VAL B 198 -27.22 -10.76 1.01
N ASP B 199 -26.34 -11.07 1.96
CA ASP B 199 -25.68 -10.07 2.78
C ASP B 199 -24.95 -9.02 1.92
N SER B 200 -24.41 -9.45 0.78
CA SER B 200 -23.80 -8.48 -0.13
C SER B 200 -24.86 -7.61 -0.79
N ALA B 201 -26.05 -8.15 -0.95
CA ALA B 201 -27.14 -7.42 -1.62
C ALA B 201 -27.76 -6.35 -0.70
N THR B 202 -27.83 -6.65 0.59
CA THR B 202 -28.36 -5.72 1.61
C THR B 202 -27.24 -4.81 2.15
N MET B 203 -26.00 -5.16 1.81
CA MET B 203 -24.79 -4.57 2.43
C MET B 203 -24.66 -4.83 3.93
N VAL B 204 -25.39 -5.80 4.44
CA VAL B 204 -25.15 -6.25 5.81
C VAL B 204 -23.77 -6.90 5.93
N ASN B 205 -23.28 -7.52 4.87
CA ASN B 205 -21.92 -8.08 4.93
C ASN B 205 -20.91 -6.97 5.19
N LYS B 206 -21.09 -5.83 4.51
CA LYS B 206 -20.25 -4.65 4.77
C LYS B 206 -20.41 -4.08 6.15
N ALA B 207 -21.63 -4.09 6.71
CA ALA B 207 -21.81 -3.66 8.10
C ALA B 207 -20.98 -4.55 9.05
N PHE B 208 -21.02 -5.88 8.84
CA PHE B 208 -20.19 -6.82 9.60
C PHE B 208 -18.68 -6.47 9.43
N GLU B 209 -18.25 -6.25 8.18
CA GLU B 209 -16.84 -5.90 7.89
C GLU B 209 -16.38 -4.59 8.56
N VAL B 210 -17.29 -3.61 8.69
CA VAL B 210 -16.96 -2.34 9.37
C VAL B 210 -16.68 -2.61 10.86
N LEU B 211 -17.60 -3.31 11.51
CA LEU B 211 -17.45 -3.71 12.91
C LEU B 211 -16.16 -4.54 13.14
N GLU B 212 -15.89 -5.48 12.24
CA GLU B 212 -14.66 -6.32 12.32
C GLU B 212 -13.38 -5.48 12.17
N ALA B 213 -13.42 -4.48 11.29
CA ALA B 213 -12.28 -3.56 11.08
C ALA B 213 -11.98 -2.72 12.31
N MET B 214 -13.03 -2.21 12.97
CA MET B 214 -12.91 -1.51 14.24
C MET B 214 -12.21 -2.37 15.30
N GLU B 215 -12.56 -3.66 15.36
CA GLU B 215 -11.95 -4.60 16.30
C GLU B 215 -10.48 -4.91 15.93
N LEU B 216 -10.29 -5.34 14.69
CA LEU B 216 -9.01 -5.80 14.20
C LEU B 216 -7.96 -4.69 14.26
N PHE B 217 -8.36 -3.47 13.91
CA PHE B 217 -7.39 -2.38 13.72
C PHE B 217 -7.50 -1.24 14.75
N GLU B 218 -8.35 -1.46 15.76
CA GLU B 218 -8.61 -0.46 16.83
C GLU B 218 -8.93 0.91 16.29
N LEU B 219 -9.92 0.94 15.40
CA LEU B 219 -10.32 2.17 14.74
C LEU B 219 -11.64 2.65 15.32
N PRO B 220 -11.76 3.97 15.59
CA PRO B 220 -13.10 4.48 15.83
C PRO B 220 -13.95 4.31 14.55
N PHE B 221 -15.24 4.11 14.75
CA PHE B 221 -16.23 4.04 13.67
C PHE B 221 -16.07 5.22 12.70
N GLU B 222 -15.84 6.41 13.23
CA GLU B 222 -15.69 7.61 12.38
C GLU B 222 -14.50 7.56 11.40
N LYS B 223 -13.52 6.70 11.65
CA LYS B 223 -12.37 6.54 10.73
C LYS B 223 -12.64 5.56 9.60
N ILE B 224 -13.80 4.90 9.59
CA ILE B 224 -14.10 3.95 8.52
C ILE B 224 -15.00 4.60 7.48
N GLU B 225 -14.68 4.41 6.20
CA GLU B 225 -15.58 4.77 5.10
C GLU B 225 -15.81 3.53 4.25
N VAL B 226 -17.03 3.38 3.73
CA VAL B 226 -17.33 2.34 2.76
C VAL B 226 -17.69 2.99 1.41
N LYS B 227 -17.06 2.50 0.34
CA LYS B 227 -17.34 2.96 -1.01
C LYS B 227 -17.82 1.83 -1.87
N ILE B 228 -18.88 2.07 -2.64
CA ILE B 228 -19.25 1.11 -3.67
C ILE B 228 -18.23 1.23 -4.81
N HIS B 229 -17.68 0.09 -5.21
CA HIS B 229 -16.57 0.04 -6.16
C HIS B 229 -16.88 -0.99 -7.23
N ARG B 230 -17.48 -0.51 -8.32
CA ARG B 230 -18.09 -1.36 -9.36
C ARG B 230 -17.13 -2.40 -9.96
N GLU B 231 -15.87 -2.01 -10.17
CA GLU B 231 -14.88 -2.89 -10.78
C GLU B 231 -14.38 -4.04 -9.90
N GLY B 232 -14.51 -3.91 -8.58
CA GLY B 232 -14.05 -4.95 -7.67
C GLY B 232 -12.55 -5.23 -7.68
N LEU B 233 -11.76 -4.26 -8.11
CA LEU B 233 -10.30 -4.37 -8.13
C LEU B 233 -9.64 -3.94 -6.82
N VAL B 234 -10.02 -2.78 -6.30
CA VAL B 234 -9.50 -2.33 -5.01
C VAL B 234 -10.25 -3.08 -3.89
N HIS B 235 -9.46 -3.76 -3.04
CA HIS B 235 -9.99 -4.53 -1.94
C HIS B 235 -9.86 -3.78 -0.63
N GLY B 236 -9.15 -2.66 -0.65
CA GLY B 236 -8.99 -1.87 0.57
C GLY B 236 -8.06 -0.71 0.28
N ALA B 237 -8.22 0.36 1.04
CA ALA B 237 -7.35 1.53 0.92
C ALA B 237 -7.23 2.24 2.25
N VAL B 238 -6.13 2.95 2.44
CA VAL B 238 -6.03 3.82 3.59
C VAL B 238 -5.66 5.19 3.07
N VAL B 239 -6.39 6.18 3.58
CA VAL B 239 -6.16 7.59 3.26
C VAL B 239 -5.34 8.16 4.42
N LEU B 240 -4.21 8.79 4.09
CA LEU B 240 -3.26 9.30 5.07
C LEU B 240 -3.49 10.80 5.22
N PRO B 241 -3.13 11.37 6.38
CA PRO B 241 -3.34 12.81 6.57
C PRO B 241 -2.52 13.72 5.62
N ASP B 242 -1.55 13.15 4.90
CA ASP B 242 -0.60 13.94 4.10
C ASP B 242 -1.00 14.12 2.64
N GLY B 243 -1.97 13.32 2.19
CA GLY B 243 -2.41 13.31 0.79
C GLY B 243 -2.15 11.99 0.09
N ASN B 244 -1.30 11.16 0.70
CA ASN B 244 -0.99 9.85 0.14
C ASN B 244 -2.18 8.94 0.39
N VAL B 245 -2.38 8.00 -0.50
CA VAL B 245 -3.39 6.97 -0.29
C VAL B 245 -2.73 5.67 -0.72
N LYS B 246 -2.80 4.66 0.15
CA LYS B 246 -2.26 3.35 -0.17
C LYS B 246 -3.41 2.42 -0.50
N MET B 247 -3.37 1.84 -1.69
CA MET B 247 -4.45 0.97 -2.19
C MET B 247 -3.95 -0.41 -2.45
N VAL B 248 -4.78 -1.42 -2.15
CA VAL B 248 -4.45 -2.80 -2.46
C VAL B 248 -5.39 -3.33 -3.56
N VAL B 249 -4.80 -3.77 -4.67
CA VAL B 249 -5.51 -4.32 -5.81
C VAL B 249 -5.16 -5.78 -5.95
N SER B 250 -6.15 -6.61 -6.29
CA SER B 250 -5.88 -8.00 -6.62
C SER B 250 -7.04 -8.64 -7.35
N PRO B 251 -6.81 -9.82 -7.97
CA PRO B 251 -7.94 -10.59 -8.49
C PRO B 251 -8.95 -10.94 -7.39
N PRO B 252 -10.22 -11.22 -7.80
CA PRO B 252 -11.23 -11.62 -6.83
C PRO B 252 -11.11 -13.11 -6.55
N ASP B 253 -10.06 -13.50 -5.84
CA ASP B 253 -9.84 -14.91 -5.54
C ASP B 253 -9.46 -15.02 -4.07
N MET B 254 -10.29 -15.76 -3.31
CA MET B 254 -10.12 -15.88 -1.87
C MET B 254 -8.86 -16.63 -1.46
N ARG B 255 -8.30 -17.43 -2.37
CA ARG B 255 -7.00 -18.07 -2.12
C ARG B 255 -5.84 -17.12 -1.82
N ILE B 256 -5.91 -15.92 -2.35
CA ILE B 256 -4.89 -14.87 -2.12
C ILE B 256 -4.82 -14.53 -0.62
N PRO B 257 -5.90 -13.98 -0.03
CA PRO B 257 -5.84 -13.67 1.39
C PRO B 257 -5.74 -14.88 2.33
N ILE B 258 -6.22 -16.05 1.91
CA ILE B 258 -6.01 -17.28 2.66
C ILE B 258 -4.50 -17.60 2.73
N SER B 259 -3.84 -17.60 1.57
CA SER B 259 -2.38 -17.81 1.50
C SER B 259 -1.61 -16.79 2.34
N TYR B 260 -1.98 -15.52 2.21
CA TYR B 260 -1.37 -14.46 3.00
C TYR B 260 -1.41 -14.73 4.50
N ALA B 261 -2.57 -15.12 5.02
CA ALA B 261 -2.73 -15.34 6.44
C ALA B 261 -1.99 -16.60 6.89
N LEU B 262 -2.07 -17.68 6.11
CA LEU B 262 -1.35 -18.91 6.44
C LEU B 262 0.17 -18.73 6.46
N PHE B 263 0.70 -18.08 5.42
CA PHE B 263 2.16 -18.04 5.19
C PHE B 263 2.87 -16.77 5.67
N TYR B 264 2.11 -15.73 6.02
CA TYR B 264 2.72 -14.51 6.54
C TYR B 264 3.88 -14.86 7.50
N PRO B 265 5.03 -14.14 7.39
CA PRO B 265 5.38 -12.99 6.53
C PRO B 265 5.73 -13.30 5.06
N ARG B 266 5.68 -14.56 4.66
CA ARG B 266 6.02 -14.96 3.31
C ARG B 266 4.87 -14.72 2.34
N ARG B 267 5.19 -14.28 1.13
CA ARG B 267 4.19 -14.18 0.06
C ARG B 267 4.36 -15.39 -0.79
N VAL B 268 3.25 -16.07 -1.07
CA VAL B 268 3.24 -17.27 -1.92
C VAL B 268 3.17 -16.85 -3.37
N ALA B 269 3.87 -17.58 -4.24
CA ALA B 269 3.80 -17.31 -5.67
C ALA B 269 2.55 -17.96 -6.25
N LEU B 270 1.62 -17.11 -6.66
CA LEU B 270 0.41 -17.56 -7.31
C LEU B 270 0.43 -16.94 -8.71
N GLU B 271 -0.57 -16.13 -9.03
CA GLU B 271 -0.61 -15.42 -10.31
C GLU B 271 -0.53 -13.92 -10.06
N PRO B 272 0.60 -13.30 -10.43
CA PRO B 272 0.77 -11.86 -10.26
C PRO B 272 -0.18 -11.10 -11.15
N PHE B 273 -0.73 -10.01 -10.61
CA PHE B 273 -1.68 -9.15 -11.30
C PHE B 273 -0.85 -8.06 -11.97
N PHE B 274 -0.84 -8.05 -13.30
CA PHE B 274 -0.05 -7.03 -14.01
C PHE B 274 -0.92 -5.85 -14.47
N LEU B 275 -0.37 -4.64 -14.32
CA LEU B 275 -1.14 -3.41 -14.45
C LEU B 275 -1.55 -3.10 -15.89
N ARG B 276 -2.80 -2.71 -16.06
CA ARG B 276 -3.32 -2.23 -17.34
C ARG B 276 -4.21 -1.03 -17.06
N THR B 277 -4.65 -0.36 -18.13
CA THR B 277 -5.55 0.78 -17.99
C THR B 277 -6.86 0.32 -17.35
N ILE B 278 -7.20 0.97 -16.24
CA ILE B 278 -8.40 0.66 -15.45
C ILE B 278 -9.15 1.94 -15.08
N SER B 279 -10.46 1.81 -14.95
CA SER B 279 -11.24 2.84 -14.29
C SER B 279 -11.52 2.33 -12.89
N LEU B 280 -11.40 3.21 -11.92
CA LEU B 280 -11.72 2.86 -10.55
C LEU B 280 -12.83 3.78 -10.07
N SER B 281 -13.98 3.19 -9.80
CA SER B 281 -15.15 3.94 -9.37
C SER B 281 -15.33 3.82 -7.86
N PHE B 282 -15.67 4.95 -7.22
CA PHE B 282 -15.96 5.00 -5.79
C PHE B 282 -17.17 5.89 -5.52
N GLU B 283 -18.27 5.29 -5.08
CA GLU B 283 -19.48 6.05 -4.82
C GLU B 283 -19.99 5.74 -3.43
N ASP B 284 -20.64 6.71 -2.78
CA ASP B 284 -21.25 6.50 -1.47
C ASP B 284 -22.50 5.62 -1.61
N PRO B 285 -22.68 4.64 -0.69
CA PRO B 285 -23.92 3.83 -0.76
C PRO B 285 -25.17 4.66 -0.45
N ASP B 286 -26.23 4.44 -1.21
CA ASP B 286 -27.49 5.17 -1.02
C ASP B 286 -28.25 4.61 0.20
N PRO B 287 -28.44 5.42 1.25
CA PRO B 287 -29.20 4.93 2.43
C PRO B 287 -30.60 4.38 2.11
N GLU B 288 -31.22 4.85 1.04
CA GLU B 288 -32.53 4.33 0.64
C GLU B 288 -32.44 2.95 0.02
N LYS B 289 -31.30 2.67 -0.59
CA LYS B 289 -31.08 1.37 -1.19
C LYS B 289 -30.57 0.31 -0.17
N TYR B 290 -29.78 0.75 0.81
CA TYR B 290 -29.15 -0.18 1.78
C TYR B 290 -29.47 0.18 3.23
N PRO B 291 -30.77 0.18 3.60
CA PRO B 291 -31.13 0.62 4.96
C PRO B 291 -30.45 -0.18 6.10
N ALA B 292 -30.30 -1.48 5.95
CA ALA B 292 -29.73 -2.29 7.04
C ALA B 292 -28.24 -1.96 7.29
N PHE B 293 -27.55 -1.55 6.24
CA PHE B 293 -26.15 -1.15 6.35
C PHE B 293 -26.02 0.11 7.20
N PHE B 294 -26.94 1.05 7.03
CA PHE B 294 -26.90 2.30 7.81
C PHE B 294 -27.42 2.24 9.25
N LEU B 295 -27.78 1.04 9.69
CA LEU B 295 -28.04 0.77 11.13
C LEU B 295 -26.76 0.73 11.98
N LEU B 296 -25.59 0.73 11.33
CA LEU B 296 -24.28 0.66 12.03
C LEU B 296 -24.13 1.70 13.13
N LYS B 297 -24.44 2.95 12.82
CA LYS B 297 -24.27 4.03 13.79
C LYS B 297 -25.11 3.79 15.07
N GLU B 298 -26.25 3.12 14.92
CA GLU B 298 -27.11 2.79 16.05
C GLU B 298 -26.58 1.64 16.90
N ILE B 299 -25.84 0.71 16.31
CA ILE B 299 -25.51 -0.54 17.03
C ILE B 299 -24.05 -0.65 17.49
N LYS B 300 -23.18 0.19 16.92
CA LYS B 300 -21.71 -0.03 16.94
C LYS B 300 -21.12 -0.16 18.35
N ASP B 301 -21.72 0.55 19.30
CA ASP B 301 -21.16 0.59 20.66
C ASP B 301 -21.68 -0.51 21.56
N SER B 302 -22.68 -1.26 21.09
CA SER B 302 -23.31 -2.29 21.92
C SER B 302 -23.14 -3.69 21.34
N TYR B 303 -22.41 -4.56 22.04
CA TYR B 303 -22.36 -5.96 21.65
C TYR B 303 -23.73 -6.66 21.75
N ALA B 304 -24.63 -6.13 22.56
CA ALA B 304 -26.02 -6.65 22.60
C ALA B 304 -26.71 -6.37 21.25
N LEU B 305 -26.67 -5.11 20.83
CA LEU B 305 -27.31 -4.73 19.57
C LEU B 305 -26.59 -5.39 18.38
N ARG B 306 -25.26 -5.53 18.45
CA ARG B 306 -24.52 -6.18 17.34
C ARG B 306 -24.81 -7.68 17.26
N THR B 307 -24.90 -8.35 18.40
CA THR B 307 -25.35 -9.76 18.42
C THR B 307 -26.78 -9.94 17.89
N ALA B 308 -27.72 -9.11 18.36
CA ALA B 308 -29.12 -9.13 17.82
C ALA B 308 -29.17 -8.81 16.32
N PHE B 309 -28.35 -7.85 15.91
CA PHE B 309 -28.20 -7.47 14.45
C PHE B 309 -27.83 -8.73 13.67
N ASN B 310 -26.78 -9.41 14.12
CA ASN B 310 -26.34 -10.60 13.44
C ASN B 310 -27.38 -11.73 13.43
N ALA B 311 -27.96 -12.00 14.60
CA ALA B 311 -29.00 -13.02 14.75
C ALA B 311 -30.22 -12.71 13.88
N ALA B 312 -30.70 -11.46 13.92
CA ALA B 312 -31.86 -11.05 13.10
C ALA B 312 -31.50 -11.27 11.65
N ASP B 313 -30.25 -10.95 11.26
CA ASP B 313 -29.86 -11.15 9.85
C ASP B 313 -29.92 -12.62 9.45
N GLU B 314 -29.42 -13.50 10.32
CA GLU B 314 -29.42 -14.92 10.06
C GLU B 314 -30.82 -15.44 9.80
N VAL B 315 -31.76 -15.08 10.68
CA VAL B 315 -33.15 -15.50 10.55
C VAL B 315 -33.79 -14.96 9.27
N ALA B 316 -33.63 -13.67 9.03
CA ALA B 316 -34.24 -12.97 7.90
C ALA B 316 -33.71 -13.49 6.57
N VAL B 317 -32.40 -13.73 6.48
CA VAL B 317 -31.84 -14.23 5.20
C VAL B 317 -32.40 -15.62 4.90
N GLU B 318 -32.42 -16.48 5.92
CA GLU B 318 -32.98 -17.81 5.70
C GLU B 318 -34.44 -17.74 5.25
N ALA B 319 -35.21 -16.86 5.88
CA ALA B 319 -36.63 -16.66 5.57
C ALA B 319 -36.84 -16.13 4.14
N PHE B 320 -35.99 -15.20 3.72
CA PHE B 320 -35.97 -14.74 2.33
C PHE B 320 -35.73 -15.89 1.35
N LEU B 321 -34.70 -16.68 1.63
CA LEU B 321 -34.31 -17.75 0.74
C LEU B 321 -35.36 -18.87 0.69
N LYS B 322 -36.11 -19.01 1.78
CA LYS B 322 -37.19 -19.98 1.86
C LYS B 322 -38.47 -19.45 1.26
N GLY B 323 -38.47 -18.17 0.85
CA GLY B 323 -39.63 -17.61 0.15
C GLY B 323 -40.71 -17.13 1.10
N ARG B 324 -40.38 -16.99 2.39
CA ARG B 324 -41.33 -16.51 3.38
C ARG B 324 -41.53 -14.97 3.38
N ILE B 325 -40.50 -14.23 2.95
CA ILE B 325 -40.56 -12.77 2.87
C ILE B 325 -39.83 -12.34 1.60
N ARG B 326 -40.16 -11.16 1.09
CA ARG B 326 -39.44 -10.61 -0.05
C ARG B 326 -38.18 -9.94 0.46
N PHE B 327 -37.34 -9.50 -0.48
CA PHE B 327 -36.04 -8.93 -0.17
C PHE B 327 -36.11 -7.77 0.83
N GLY B 328 -37.06 -6.85 0.65
CA GLY B 328 -37.21 -5.68 1.54
C GLY B 328 -37.62 -6.04 2.96
N GLY B 329 -38.12 -7.25 3.16
CA GLY B 329 -38.47 -7.70 4.51
C GLY B 329 -37.22 -7.98 5.35
N ILE B 330 -36.07 -8.15 4.71
CA ILE B 330 -34.84 -8.45 5.51
C ILE B 330 -34.47 -7.28 6.42
N HIS B 331 -34.36 -6.08 5.85
CA HIS B 331 -34.00 -4.95 6.70
C HIS B 331 -35.07 -4.69 7.76
N ARG B 332 -36.33 -4.99 7.44
CA ARG B 332 -37.43 -4.78 8.42
C ARG B 332 -37.35 -5.77 9.56
N VAL B 333 -37.06 -7.03 9.27
CA VAL B 333 -36.84 -7.98 10.37
C VAL B 333 -35.71 -7.51 11.28
N ILE B 334 -34.63 -7.07 10.69
CA ILE B 334 -33.50 -6.55 11.47
C ILE B 334 -33.87 -5.32 12.33
N GLU B 335 -34.48 -4.30 11.70
CA GLU B 335 -34.86 -3.06 12.39
C GLU B 335 -35.81 -3.33 13.57
N LYS B 336 -36.86 -4.10 13.32
CA LYS B 336 -37.85 -4.43 14.37
C LYS B 336 -37.29 -5.30 15.50
N THR B 337 -36.39 -6.23 15.18
CA THR B 337 -35.76 -7.06 16.21
C THR B 337 -34.87 -6.20 17.11
N LEU B 338 -34.10 -5.30 16.49
CA LEU B 338 -33.24 -4.38 17.23
C LEU B 338 -34.02 -3.50 18.20
N GLU B 339 -35.19 -3.06 17.77
CA GLU B 339 -36.10 -2.24 18.58
C GLU B 339 -36.45 -2.90 19.92
N GLU B 340 -36.52 -4.23 19.93
CA GLU B 340 -36.83 -5.02 21.12
C GLU B 340 -35.65 -5.16 22.07
N PHE B 341 -34.46 -4.80 21.60
CA PHE B 341 -33.26 -4.89 22.42
C PHE B 341 -32.74 -3.52 22.83
N GLN B 342 -33.48 -2.47 22.47
CA GLN B 342 -33.17 -1.12 22.91
C GLN B 342 -32.87 -1.14 24.41
N GLY B 343 -31.74 -0.55 24.81
CA GLY B 343 -31.40 -0.39 26.22
C GLY B 343 -30.85 -1.62 26.94
N TYR B 344 -30.69 -2.73 26.22
CA TYR B 344 -30.15 -3.95 26.82
C TYR B 344 -28.75 -3.63 27.36
N PRO B 345 -28.37 -4.20 28.52
CA PRO B 345 -27.03 -3.89 29.02
C PRO B 345 -25.90 -4.57 28.21
N GLN B 346 -24.73 -3.94 28.23
CA GLN B 346 -23.53 -4.44 27.59
C GLN B 346 -23.18 -5.81 28.16
N PRO B 347 -23.09 -6.85 27.31
CA PRO B 347 -22.68 -8.15 27.81
C PRO B 347 -21.24 -8.18 28.33
N ARG B 348 -20.97 -9.07 29.28
CA ARG B 348 -19.68 -9.11 29.95
C ARG B 348 -18.94 -10.44 29.75
N THR B 349 -19.70 -11.46 29.43
CA THR B 349 -19.13 -12.80 29.30
C THR B 349 -19.58 -13.47 28.01
N LEU B 350 -18.90 -14.54 27.60
CA LEU B 350 -19.38 -15.43 26.54
C LEU B 350 -20.86 -15.81 26.75
N ASP B 351 -21.19 -16.22 27.98
CA ASP B 351 -22.55 -16.59 28.35
C ASP B 351 -23.57 -15.46 28.11
N ASP B 352 -23.23 -14.22 28.45
CA ASP B 352 -24.09 -13.07 28.19
C ASP B 352 -24.37 -12.95 26.68
N VAL B 353 -23.33 -13.14 25.88
CA VAL B 353 -23.45 -13.01 24.43
C VAL B 353 -24.33 -14.10 23.85
N GLU B 354 -24.07 -15.35 24.22
CA GLU B 354 -24.89 -16.48 23.76
C GLU B 354 -26.40 -16.36 24.10
N ARG B 355 -26.70 -15.77 25.25
CA ARG B 355 -28.10 -15.54 25.71
C ARG B 355 -28.80 -14.51 24.81
N ILE B 356 -28.10 -13.40 24.54
CA ILE B 356 -28.61 -12.40 23.60
C ILE B 356 -28.86 -13.03 22.22
N HIS B 357 -27.90 -13.78 21.72
CA HIS B 357 -28.05 -14.45 20.43
C HIS B 357 -29.33 -15.29 20.39
N PHE B 358 -29.48 -16.19 21.36
CA PHE B 358 -30.66 -17.08 21.45
C PHE B 358 -31.96 -16.27 21.51
N GLU B 359 -31.99 -15.23 22.36
CA GLU B 359 -33.18 -14.38 22.48
C GLU B 359 -33.51 -13.71 21.14
N ALA B 360 -32.46 -13.22 20.46
CA ALA B 360 -32.61 -12.46 19.22
C ALA B 360 -33.13 -13.32 18.09
N ILE B 361 -32.62 -14.54 17.99
CA ILE B 361 -33.12 -15.52 17.02
C ILE B 361 -34.63 -15.78 17.18
N LYS B 362 -35.05 -15.95 18.43
CA LYS B 362 -36.45 -16.24 18.75
C LYS B 362 -37.30 -15.02 18.47
N LYS B 363 -36.87 -13.86 18.93
CA LYS B 363 -37.57 -12.60 18.61
C LYS B 363 -37.65 -12.29 17.11
N ALA B 364 -36.56 -12.55 16.37
CA ALA B 364 -36.53 -12.26 14.94
C ALA B 364 -37.45 -13.19 14.15
N GLU B 365 -37.50 -14.45 14.59
CA GLU B 365 -38.47 -15.43 14.07
C GLU B 365 -39.93 -14.92 14.15
N ARG B 366 -40.33 -14.36 15.30
CA ARG B 366 -41.69 -13.83 15.49
C ARG B 366 -41.99 -12.67 14.53
N VAL B 367 -41.04 -11.74 14.45
CA VAL B 367 -41.14 -10.61 13.54
C VAL B 367 -41.31 -11.10 12.13
N THR B 368 -40.48 -12.07 11.75
CA THR B 368 -40.50 -12.65 10.42
C THR B 368 -41.90 -13.21 10.09
N GLU B 369 -42.47 -13.95 11.04
CA GLU B 369 -43.87 -14.43 10.92
C GLU B 369 -44.84 -13.29 10.65
N TRP B 370 -44.74 -12.26 11.47
CA TRP B 370 -45.55 -11.06 11.31
C TRP B 370 -45.48 -10.52 9.90
N LEU B 371 -44.26 -10.27 9.41
CA LEU B 371 -44.06 -9.73 8.08
C LEU B 371 -44.48 -10.72 7.00
N SER B 372 -44.35 -12.02 7.28
CA SER B 372 -44.77 -13.06 6.32
C SER B 372 -46.30 -13.11 6.16
N SER B 373 -47.02 -13.00 7.27
CA SER B 373 -48.48 -12.87 7.28
C SER B 373 -48.91 -11.56 6.67
N THR B 374 -47.95 -10.65 6.48
CA THR B 374 -48.16 -9.21 6.31
C THR B 374 -49.00 -8.60 7.45
PA NDP C . 4.85 33.75 10.48
O1A NDP C . 4.86 34.46 11.79
O2A NDP C . 3.36 33.34 10.01
O5B NDP C . 5.75 32.39 10.47
C5B NDP C . 5.23 31.18 9.91
C4B NDP C . 6.11 29.91 10.18
O4B NDP C . 7.55 29.98 9.77
C3B NDP C . 6.11 29.60 11.67
O3B NDP C . 5.65 28.25 11.85
C2B NDP C . 7.60 29.68 11.98
O2B NDP C . 7.91 28.83 13.06
C1B NDP C . 8.21 29.12 10.71
N9A NDP C . 9.72 29.23 10.85
C8A NDP C . 10.43 30.35 10.83
N7A NDP C . 11.73 30.08 10.99
C5A NDP C . 11.85 28.76 11.11
C6A NDP C . 12.95 27.90 11.29
N6A NDP C . 14.19 28.39 11.38
N1A NDP C . 12.73 26.58 11.39
C2A NDP C . 11.49 26.08 11.30
N3A NDP C . 10.43 26.87 11.13
C4A NDP C . 10.57 28.21 11.03
O3 NDP C . 5.40 34.72 9.29
P2B NDP C . 8.36 29.53 14.43
O1X NDP C . 7.59 30.79 14.68
O2X NDP C . 8.12 28.39 15.48
O3X NDP C . 9.93 29.78 14.30
PA NDP D . 17.13 23.60 -8.83
O1A NDP D . 18.01 23.98 -9.98
O2A NDP D . 15.62 24.22 -8.89
O5B NDP D . 17.85 23.97 -7.42
C5B NDP D . 18.92 23.17 -6.91
C4B NDP D . 19.80 23.89 -5.87
O4B NDP D . 21.20 23.46 -6.07
C3B NDP D . 19.82 25.44 -5.91
O3B NDP D . 19.93 25.96 -4.55
C2B NDP D . 21.11 25.76 -6.62
O2B NDP D . 21.62 27.02 -6.14
C1B NDP D . 22.00 24.65 -6.07
N9A NDP D . 23.19 24.40 -6.94
C8A NDP D . 23.24 24.61 -8.26
N7A NDP D . 24.46 24.27 -8.69
C5A NDP D . 25.17 23.85 -7.64
C6A NDP D . 26.46 23.39 -7.49
N6A NDP D . 27.25 23.30 -8.56
N1A NDP D . 26.88 23.04 -6.26
C2A NDP D . 26.09 23.13 -5.19
N3A NDP D . 24.84 23.57 -5.30
C4A NDP D . 24.36 23.93 -6.52
O3 NDP D . 16.96 21.97 -8.78
PN NDP D . 15.70 21.18 -8.08
O1N NDP D . 14.49 21.17 -8.94
O2N NDP D . 15.39 21.69 -6.55
O5D NDP D . 16.31 19.69 -7.87
C5D NDP D . 17.61 19.41 -7.31
C4D NDP D . 17.82 17.90 -7.34
O4D NDP D . 16.53 17.35 -6.85
C3D NDP D . 18.02 17.35 -8.77
O3D NDP D . 19.02 16.30 -8.78
C2D NDP D . 16.62 16.82 -9.12
O2D NDP D . 16.65 15.76 -10.08
C1D NDP D . 16.12 16.31 -7.76
N1N NDP D . 14.65 16.18 -7.83
C2N NDP D . 13.86 17.29 -8.18
C3N NDP D . 12.48 17.16 -8.26
C7N NDP D . 11.64 18.38 -8.65
O7N NDP D . 10.41 18.29 -8.73
N7N NDP D . 12.32 19.51 -8.89
C4N NDP D . 11.78 15.81 -7.95
C5N NDP D . 12.66 14.77 -7.61
C6N NDP D . 14.05 14.93 -7.55
P2B NDP D . 21.27 28.46 -6.85
O1X NDP D . 19.86 28.62 -7.25
O2X NDP D . 21.77 29.56 -5.78
O3X NDP D . 22.24 28.66 -8.11
MG MG E . 10.17 11.68 -9.97
C1 MPD F . 7.73 12.92 -16.56
C2 MPD F . 8.35 12.40 -15.29
O2 MPD F . 8.05 13.35 -14.24
CM MPD F . 7.55 11.19 -14.91
C3 MPD F . 9.88 12.16 -15.34
C4 MPD F . 10.61 11.96 -16.69
O4 MPD F . 11.98 11.70 -16.47
C5 MPD F . 10.25 10.76 -17.53
PA NDP G . -19.72 -22.28 4.59
O1A NDP G . -21.19 -22.42 4.83
O2A NDP G . -19.25 -22.48 3.02
O5B NDP G . -18.94 -23.34 5.52
C5B NDP G . -19.04 -23.24 6.95
C4B NDP G . -18.31 -24.37 7.68
O4B NDP G . -18.70 -24.41 9.09
C3B NDP G . -18.68 -25.74 7.06
O3B NDP G . -17.52 -26.58 7.06
C2B NDP G . -19.76 -26.27 8.00
O2B NDP G . -19.72 -27.71 8.08
C1B NDP G . -19.33 -25.71 9.36
N9A NDP G . -20.51 -25.44 10.21
C8A NDP G . -21.77 -25.17 9.82
N7A NDP G . -22.52 -24.98 10.90
C5A NDP G . -21.77 -25.12 11.97
C6A NDP G . -22.00 -25.05 13.33
N6A NDP G . -23.21 -24.77 13.78
N1A NDP G . -20.98 -25.26 14.19
C2A NDP G . -19.75 -25.54 13.74
N3A NDP G . -19.50 -25.62 12.44
C4A NDP G . -20.47 -25.42 11.55
O3 NDP G . -19.20 -20.78 5.02
PN NDP G . -17.84 -20.06 4.42
O1N NDP G . -18.10 -19.38 3.12
O2N NDP G . -16.61 -21.14 4.34
O5D NDP G . -17.30 -19.04 5.54
C5D NDP G . -17.47 -19.27 6.94
C4D NDP G . -17.18 -17.98 7.70
O4D NDP G . -16.16 -17.26 6.90
C3D NDP G . -18.38 -17.04 7.80
O3D NDP G . -18.29 -16.26 8.99
C2D NDP G . -18.18 -16.12 6.60
O2D NDP G . -18.86 -14.87 6.76
C1D NDP G . -16.68 -15.92 6.65
N1N NDP G . -16.15 -15.39 5.38
C2N NDP G . -16.42 -16.05 4.19
C3N NDP G . -15.93 -15.56 2.98
C7N NDP G . -16.27 -16.32 1.69
O7N NDP G . -15.86 -15.93 0.60
N7N NDP G . -17.03 -17.41 1.84
C4N NDP G . -15.07 -14.29 2.94
C5N NDP G . -14.86 -13.71 4.19
C6N NDP G . -15.36 -14.22 5.38
P2B NDP G . -20.65 -28.65 7.14
O1X NDP G . -20.43 -28.44 5.69
O2X NDP G . -20.31 -30.11 7.66
O3X NDP G . -22.16 -28.40 7.56
MG MG H . -15.18 -9.42 2.08
C1 MPD I . -17.95 -6.47 -1.71
C2 MPD I . -19.17 -7.21 -1.24
O2 MPD I . -20.27 -6.63 -1.94
CM MPD I . -19.06 -8.68 -1.64
C3 MPD I . -19.39 -6.99 0.25
C4 MPD I . -20.78 -7.28 0.83
O4 MPD I . -20.59 -8.16 1.90
C5 MPD I . -21.57 -6.09 1.39
#